data_1ZF9
# 
_entry.id   1ZF9 
# 
_audit_conform.dict_name       mmcif_pdbx.dic 
_audit_conform.dict_version    5.389 
_audit_conform.dict_location   http://mmcif.pdb.org/dictionaries/ascii/mmcif_pdbx.dic 
# 
loop_
_database_2.database_id 
_database_2.database_code 
_database_2.pdbx_database_accession 
_database_2.pdbx_DOI 
PDB   1ZF9         pdb_00001zf9 10.2210/pdb1zf9/pdb 
NDB   AD0051       ?            ?                   
RCSB  RCSB032652   ?            ?                   
WWPDB D_1000032652 ?            ?                   
# 
loop_
_pdbx_audit_revision_history.ordinal 
_pdbx_audit_revision_history.data_content_type 
_pdbx_audit_revision_history.major_revision 
_pdbx_audit_revision_history.minor_revision 
_pdbx_audit_revision_history.revision_date 
1 'Structure model' 1 0 2005-05-10 
2 'Structure model' 1 1 2008-04-30 
3 'Structure model' 1 2 2011-07-13 
4 'Structure model' 1 3 2017-10-11 
5 'Structure model' 1 4 2024-02-14 
6 'Structure model' 1 5 2024-04-03 
# 
_pdbx_audit_revision_details.ordinal             1 
_pdbx_audit_revision_details.revision_ordinal    1 
_pdbx_audit_revision_details.data_content_type   'Structure model' 
_pdbx_audit_revision_details.provider            repository 
_pdbx_audit_revision_details.type                'Initial release' 
_pdbx_audit_revision_details.description         ? 
_pdbx_audit_revision_details.details             ? 
# 
loop_
_pdbx_audit_revision_group.ordinal 
_pdbx_audit_revision_group.revision_ordinal 
_pdbx_audit_revision_group.data_content_type 
_pdbx_audit_revision_group.group 
1 2 'Structure model' 'Version format compliance' 
2 3 'Structure model' 'Version format compliance' 
3 4 'Structure model' 'Refinement description'    
4 5 'Structure model' 'Data collection'           
5 5 'Structure model' 'Database references'       
6 5 'Structure model' 'Derived calculations'      
7 6 'Structure model' 'Refinement description'    
# 
loop_
_pdbx_audit_revision_category.ordinal 
_pdbx_audit_revision_category.revision_ordinal 
_pdbx_audit_revision_category.data_content_type 
_pdbx_audit_revision_category.category 
1 4 'Structure model' software                      
2 5 'Structure model' chem_comp_atom                
3 5 'Structure model' chem_comp_bond                
4 5 'Structure model' database_2                    
5 5 'Structure model' pdbx_struct_conn_angle        
6 5 'Structure model' struct_conn                   
7 5 'Structure model' struct_site                   
8 6 'Structure model' pdbx_initial_refinement_model 
# 
loop_
_pdbx_audit_revision_item.ordinal 
_pdbx_audit_revision_item.revision_ordinal 
_pdbx_audit_revision_item.data_content_type 
_pdbx_audit_revision_item.item 
1  5 'Structure model' '_database_2.pdbx_DOI'                        
2  5 'Structure model' '_database_2.pdbx_database_accession'         
3  5 'Structure model' '_pdbx_struct_conn_angle.ptnr1_auth_asym_id'  
4  5 'Structure model' '_pdbx_struct_conn_angle.ptnr1_auth_comp_id'  
5  5 'Structure model' '_pdbx_struct_conn_angle.ptnr1_auth_seq_id'   
6  5 'Structure model' '_pdbx_struct_conn_angle.ptnr1_label_asym_id' 
7  5 'Structure model' '_pdbx_struct_conn_angle.ptnr1_label_atom_id' 
8  5 'Structure model' '_pdbx_struct_conn_angle.ptnr1_label_comp_id' 
9  5 'Structure model' '_pdbx_struct_conn_angle.ptnr1_label_seq_id'  
10 5 'Structure model' '_pdbx_struct_conn_angle.ptnr2_auth_asym_id'  
11 5 'Structure model' '_pdbx_struct_conn_angle.ptnr2_auth_seq_id'   
12 5 'Structure model' '_pdbx_struct_conn_angle.ptnr2_label_asym_id' 
13 5 'Structure model' '_pdbx_struct_conn_angle.ptnr3_auth_asym_id'  
14 5 'Structure model' '_pdbx_struct_conn_angle.ptnr3_auth_seq_id'   
15 5 'Structure model' '_pdbx_struct_conn_angle.ptnr3_label_asym_id' 
16 5 'Structure model' '_pdbx_struct_conn_angle.value'               
17 5 'Structure model' '_struct_conn.pdbx_dist_value'                
18 5 'Structure model' '_struct_conn.ptnr1_auth_asym_id'             
19 5 'Structure model' '_struct_conn.ptnr1_auth_comp_id'             
20 5 'Structure model' '_struct_conn.ptnr1_auth_seq_id'              
21 5 'Structure model' '_struct_conn.ptnr1_label_asym_id'            
22 5 'Structure model' '_struct_conn.ptnr1_label_atom_id'            
23 5 'Structure model' '_struct_conn.ptnr1_label_comp_id'            
24 5 'Structure model' '_struct_conn.ptnr1_label_seq_id'             
25 5 'Structure model' '_struct_conn.ptnr2_auth_asym_id'             
26 5 'Structure model' '_struct_conn.ptnr2_auth_comp_id'             
27 5 'Structure model' '_struct_conn.ptnr2_auth_seq_id'              
28 5 'Structure model' '_struct_conn.ptnr2_label_asym_id'            
29 5 'Structure model' '_struct_conn.ptnr2_label_atom_id'            
30 5 'Structure model' '_struct_conn.ptnr2_label_comp_id'            
31 5 'Structure model' '_struct_conn.ptnr2_label_seq_id'             
32 5 'Structure model' '_struct_site.pdbx_auth_asym_id'              
33 5 'Structure model' '_struct_site.pdbx_auth_comp_id'              
34 5 'Structure model' '_struct_site.pdbx_auth_seq_id'               
# 
_pdbx_database_status.entry_id                        1ZF9 
_pdbx_database_status.deposit_site                    RCSB 
_pdbx_database_status.process_site                    RCSB 
_pdbx_database_status.recvd_initial_deposition_date   2005-04-20 
_pdbx_database_status.status_code                     REL 
_pdbx_database_status.status_code_sf                  REL 
_pdbx_database_status.status_code_mr                  ? 
_pdbx_database_status.SG_entry                        ? 
_pdbx_database_status.pdb_format_compatible           Y 
_pdbx_database_status.status_code_cs                  ? 
_pdbx_database_status.methods_development_category    ? 
_pdbx_database_status.status_code_nmr_data            ? 
# 
loop_
_pdbx_database_related.db_name 
_pdbx_database_related.db_id 
_pdbx_database_related.details 
_pdbx_database_related.content_type 
PDB 1P4Y . unspecified 
PDB 1P4Z . unspecified 
PDB 1DCW . unspecified 
PDB 1DCV . unspecified 
PDB 1ZEW . unspecified 
PDB 1ZEX . unspecified 
PDB 1ZEY . unspecified 
PDB 1ZEZ . unspecified 
PDB 1ZF0 . unspecified 
PDB 1ZF1 . unspecified 
PDB 1ZF2 . unspecified 
PDB 1ZF3 . unspecified 
PDB 1ZF4 . unspecified 
PDB 1ZF5 . unspecified 
PDB 1ZF6 . unspecified 
PDB 1ZF7 . unspecified 
PDB 1ZF8 . unspecified 
PDB 1ZFA . unspecified 
PDB 1ZFB . unspecified 
PDB 1ZFC . unspecified 
PDB 1ZFE . unspecified 
PDB 1ZFF . unspecified 
PDB 1ZFG . unspecified 
PDB 1ZFH . unspecified 
PDB 1ZFM . unspecified 
# 
loop_
_audit_author.name 
_audit_author.pdbx_ordinal 
'Hays, F.A.'      1 
'Teegarden, A.T.' 2 
'Jones, Z.J.R.'   3 
'Harms, M.'       4 
'Raup, D.'        5 
'Watson, J.'      6 
'Cavaliere, E.'   7 
'Ho, P.S.'        8 
# 
_citation.id                        primary 
_citation.title                     'How sequence defines structure: a crystallographic map of DNA structure and conformation.' 
_citation.journal_abbrev            Proc.Natl.Acad.Sci.Usa 
_citation.journal_volume            102 
_citation.page_first                7157 
_citation.page_last                 7162 
_citation.year                      2005 
_citation.journal_id_ASTM           PNASA6 
_citation.country                   US 
_citation.journal_id_ISSN           0027-8424 
_citation.journal_id_CSD            0040 
_citation.book_publisher            ? 
_citation.pdbx_database_id_PubMed   15870206 
_citation.pdbx_database_id_DOI      10.1073/pnas.0409455102 
# 
loop_
_citation_author.citation_id 
_citation_author.name 
_citation_author.ordinal 
_citation_author.identifier_ORCID 
primary 'Hays, F.A.'    1 ? 
primary 'Teegarden, A.' 2 ? 
primary 'Jones, Z.J.'   3 ? 
primary 'Harms, M.'     4 ? 
primary 'Raup, D.'      5 ? 
primary 'Watson, J.'    6 ? 
primary 'Cavaliere, E.' 7 ? 
primary 'Ho, P.S.'      8 ? 
# 
loop_
_entity.id 
_entity.type 
_entity.src_method 
_entity.pdbx_description 
_entity.formula_weight 
_entity.pdbx_number_of_molecules 
_entity.pdbx_ec 
_entity.pdbx_mutation 
_entity.pdbx_fragment 
_entity.details 
1 polymer     syn "5'-D(*CP*CP*CP*CP*CP*GP*GP*GP*GP*G)-3'" 3046.980 2  ? ? ? ? 
2 non-polymer syn 'SODIUM ION'                             22.990   2  ? ? ? ? 
3 water       nat water                                    18.015   94 ? ? ? ? 
# 
_entity_poly.entity_id                      1 
_entity_poly.type                           polydeoxyribonucleotide 
_entity_poly.nstd_linkage                   no 
_entity_poly.nstd_monomer                   no 
_entity_poly.pdbx_seq_one_letter_code       '(DC)(DC)(DC)(DC)(DC)(DG)(DG)(DG)(DG)(DG)' 
_entity_poly.pdbx_seq_one_letter_code_can   CCCCCGGGGG 
_entity_poly.pdbx_strand_id                 A,B 
_entity_poly.pdbx_target_identifier         ? 
# 
loop_
_pdbx_entity_nonpoly.entity_id 
_pdbx_entity_nonpoly.name 
_pdbx_entity_nonpoly.comp_id 
2 'SODIUM ION' NA  
3 water        HOH 
# 
loop_
_entity_poly_seq.entity_id 
_entity_poly_seq.num 
_entity_poly_seq.mon_id 
_entity_poly_seq.hetero 
1 1  DC n 
1 2  DC n 
1 3  DC n 
1 4  DC n 
1 5  DC n 
1 6  DG n 
1 7  DG n 
1 8  DG n 
1 9  DG n 
1 10 DG n 
# 
_pdbx_entity_src_syn.entity_id              1 
_pdbx_entity_src_syn.pdbx_src_id            1 
_pdbx_entity_src_syn.pdbx_alt_source_flag   sample 
_pdbx_entity_src_syn.pdbx_beg_seq_num       ? 
_pdbx_entity_src_syn.pdbx_end_seq_num       ? 
_pdbx_entity_src_syn.organism_scientific    ? 
_pdbx_entity_src_syn.organism_common_name   ? 
_pdbx_entity_src_syn.ncbi_taxonomy_id       ? 
_pdbx_entity_src_syn.details                
;DNA WAS SYNTHESIZED ON AN APPLIED BIOSYSTEMS DNA SYNTHESIZER USING PHOSPHORAMIDITE CHEMISTRY, WITH THE TRITYL-PROTECTING GROUP LEFT INTACT AT THE 5'-TERMINAL NUCLEOTIDE THEN DEPROTECTED BY TREATMENT WITH 3% ACETIC ACID FOR FIFTEEN MINUTES, NEUTRALIZED WITH AMMONIUM HYDROXIDE, AND DESALTED ON A SIGMA G-25 SEPHADEX COLUMN.
;
# 
loop_
_chem_comp.id 
_chem_comp.type 
_chem_comp.mon_nstd_flag 
_chem_comp.name 
_chem_comp.pdbx_synonyms 
_chem_comp.formula 
_chem_comp.formula_weight 
DC  'DNA linking' y "2'-DEOXYCYTIDINE-5'-MONOPHOSPHATE"  ? 'C9 H14 N3 O7 P'  307.197 
DG  'DNA linking' y "2'-DEOXYGUANOSINE-5'-MONOPHOSPHATE" ? 'C10 H14 N5 O7 P' 347.221 
HOH non-polymer   . WATER                                ? 'H2 O'            18.015  
NA  non-polymer   . 'SODIUM ION'                         ? 'Na 1'            22.990  
# 
loop_
_pdbx_poly_seq_scheme.asym_id 
_pdbx_poly_seq_scheme.entity_id 
_pdbx_poly_seq_scheme.seq_id 
_pdbx_poly_seq_scheme.mon_id 
_pdbx_poly_seq_scheme.ndb_seq_num 
_pdbx_poly_seq_scheme.pdb_seq_num 
_pdbx_poly_seq_scheme.auth_seq_num 
_pdbx_poly_seq_scheme.pdb_mon_id 
_pdbx_poly_seq_scheme.auth_mon_id 
_pdbx_poly_seq_scheme.pdb_strand_id 
_pdbx_poly_seq_scheme.pdb_ins_code 
_pdbx_poly_seq_scheme.hetero 
A 1 1  DC 1  1  1  DC C A . n 
A 1 2  DC 2  2  2  DC C A . n 
A 1 3  DC 3  3  3  DC C A . n 
A 1 4  DC 4  4  4  DC C A . n 
A 1 5  DC 5  5  5  DC C A . n 
A 1 6  DG 6  6  6  DG G A . n 
A 1 7  DG 7  7  7  DG G A . n 
A 1 8  DG 8  8  8  DG G A . n 
A 1 9  DG 9  9  9  DG G A . n 
A 1 10 DG 10 10 10 DG G A . n 
B 1 1  DC 1  11 11 DC C B . n 
B 1 2  DC 2  12 12 DC C B . n 
B 1 3  DC 3  13 13 DC C B . n 
B 1 4  DC 4  14 14 DC C B . n 
B 1 5  DC 5  15 15 DC C B . n 
B 1 6  DG 6  16 16 DG G B . n 
B 1 7  DG 7  17 17 DG G B . n 
B 1 8  DG 8  18 18 DG G B . n 
B 1 9  DG 9  19 19 DG G B . n 
B 1 10 DG 10 20 20 DG G B . n 
# 
loop_
_pdbx_nonpoly_scheme.asym_id 
_pdbx_nonpoly_scheme.entity_id 
_pdbx_nonpoly_scheme.mon_id 
_pdbx_nonpoly_scheme.ndb_seq_num 
_pdbx_nonpoly_scheme.pdb_seq_num 
_pdbx_nonpoly_scheme.auth_seq_num 
_pdbx_nonpoly_scheme.pdb_mon_id 
_pdbx_nonpoly_scheme.auth_mon_id 
_pdbx_nonpoly_scheme.pdb_strand_id 
_pdbx_nonpoly_scheme.pdb_ins_code 
C 2 NA  1  64  64  NA  NA  A . 
D 2 NA  1  35  35  NA  NA  B . 
E 3 HOH 1  21  21  HOH HOH A . 
E 3 HOH 2  22  22  HOH HOH A . 
E 3 HOH 3  23  23  HOH HOH A . 
E 3 HOH 4  25  25  HOH HOH A . 
E 3 HOH 5  26  26  HOH HOH A . 
E 3 HOH 6  30  30  HOH HOH A . 
E 3 HOH 7  31  31  HOH HOH A . 
E 3 HOH 8  32  32  HOH HOH A . 
E 3 HOH 9  34  34  HOH HOH A . 
E 3 HOH 10 36  36  HOH HOH A . 
E 3 HOH 11 39  39  HOH HOH A . 
E 3 HOH 12 40  40  HOH HOH A . 
E 3 HOH 13 41  41  HOH HOH A . 
E 3 HOH 14 42  42  HOH HOH A . 
E 3 HOH 15 43  43  HOH HOH A . 
E 3 HOH 16 44  44  HOH HOH A . 
E 3 HOH 17 48  48  HOH HOH A . 
E 3 HOH 18 50  50  HOH HOH A . 
E 3 HOH 19 51  51  HOH HOH A . 
E 3 HOH 20 54  54  HOH HOH A . 
E 3 HOH 21 55  55  HOH HOH A . 
E 3 HOH 22 58  58  HOH HOH A . 
E 3 HOH 23 59  59  HOH HOH A . 
E 3 HOH 24 60  60  HOH HOH A . 
E 3 HOH 25 63  63  HOH HOH A . 
E 3 HOH 26 65  65  HOH HOH A . 
E 3 HOH 27 68  68  HOH HOH A . 
E 3 HOH 28 71  71  HOH HOH A . 
E 3 HOH 29 72  72  HOH HOH A . 
E 3 HOH 30 79  79  HOH HOH A . 
E 3 HOH 31 83  83  HOH HOH A . 
E 3 HOH 32 84  84  HOH HOH A . 
E 3 HOH 33 87  87  HOH HOH A . 
E 3 HOH 34 88  88  HOH HOH A . 
E 3 HOH 35 89  89  HOH HOH A . 
E 3 HOH 36 91  91  HOH HOH A . 
E 3 HOH 37 97  97  HOH HOH A . 
E 3 HOH 38 100 100 HOH HOH A . 
E 3 HOH 39 103 103 HOH HOH A . 
E 3 HOH 40 105 105 HOH HOH A . 
E 3 HOH 41 107 107 HOH HOH A . 
E 3 HOH 42 108 108 HOH HOH A . 
E 3 HOH 43 109 109 HOH HOH A . 
E 3 HOH 44 110 110 HOH HOH A . 
E 3 HOH 45 111 111 HOH HOH A . 
E 3 HOH 46 112 112 HOH HOH A . 
E 3 HOH 47 114 114 HOH HOH A . 
E 3 HOH 48 115 115 HOH HOH A . 
E 3 HOH 49 116 116 HOH HOH A . 
E 3 HOH 50 117 117 HOH HOH A . 
E 3 HOH 51 118 118 HOH HOH A . 
F 3 HOH 1  24  24  HOH HOH B . 
F 3 HOH 2  27  27  HOH HOH B . 
F 3 HOH 3  28  28  HOH HOH B . 
F 3 HOH 4  29  29  HOH HOH B . 
F 3 HOH 5  33  33  HOH HOH B . 
F 3 HOH 6  37  37  HOH HOH B . 
F 3 HOH 7  38  38  HOH HOH B . 
F 3 HOH 8  45  45  HOH HOH B . 
F 3 HOH 9  46  46  HOH HOH B . 
F 3 HOH 10 47  47  HOH HOH B . 
F 3 HOH 11 49  49  HOH HOH B . 
F 3 HOH 12 52  52  HOH HOH B . 
F 3 HOH 13 53  53  HOH HOH B . 
F 3 HOH 14 56  56  HOH HOH B . 
F 3 HOH 15 57  57  HOH HOH B . 
F 3 HOH 16 61  61  HOH HOH B . 
F 3 HOH 17 62  62  HOH HOH B . 
F 3 HOH 18 66  66  HOH HOH B . 
F 3 HOH 19 67  67  HOH HOH B . 
F 3 HOH 20 69  69  HOH HOH B . 
F 3 HOH 21 70  70  HOH HOH B . 
F 3 HOH 22 73  73  HOH HOH B . 
F 3 HOH 23 74  74  HOH HOH B . 
F 3 HOH 24 75  75  HOH HOH B . 
F 3 HOH 25 76  76  HOH HOH B . 
F 3 HOH 26 77  77  HOH HOH B . 
F 3 HOH 27 78  78  HOH HOH B . 
F 3 HOH 28 80  80  HOH HOH B . 
F 3 HOH 29 81  81  HOH HOH B . 
F 3 HOH 30 82  82  HOH HOH B . 
F 3 HOH 31 85  85  HOH HOH B . 
F 3 HOH 32 86  86  HOH HOH B . 
F 3 HOH 33 90  90  HOH HOH B . 
F 3 HOH 34 92  92  HOH HOH B . 
F 3 HOH 35 93  93  HOH HOH B . 
F 3 HOH 36 96  96  HOH HOH B . 
F 3 HOH 37 98  98  HOH HOH B . 
F 3 HOH 38 99  99  HOH HOH B . 
F 3 HOH 39 104 104 HOH HOH B . 
F 3 HOH 40 106 106 HOH HOH B . 
F 3 HOH 41 113 113 HOH HOH B . 
F 3 HOH 42 119 119 HOH HOH B . 
F 3 HOH 43 121 121 HOH HOH B . 
# 
loop_
_software.name 
_software.version 
_software.date 
_software.type 
_software.contact_author 
_software.contact_author_email 
_software.classification 
_software.location 
_software.language 
_software.citation_id 
_software.pdbx_ordinal 
DENZO     .   ? package 'Zbyszek Otwinowski' zbyszek@mix.swmed.edu 'data reduction' 
http://www.lnls.br/infra/linhasluz/denzo-hkl.htm ?          ? 1 
SCALEPACK .   ? package 'Zbyszek Otwinowski' zbyszek@mix.swmed.edu 'data scaling'   
http://www.lnls.br/infra/linhasluz/denzo-hkl.htm ?          ? 2 
CNS       1.1 ? package 'Axel T. Brunger'    axel.brunger@yale.edu refinement       http://cns.csb.yale.edu/v1.1/ Fortran_77 ? 3 
EPMR      .   ? ?       ?                    ?                     phasing          ? ?          ? 4 
# 
_cell.entry_id           1ZF9 
_cell.length_a           23.280 
_cell.length_b           45.310 
_cell.length_c           47.550 
_cell.angle_alpha        90.00 
_cell.angle_beta         90.00 
_cell.angle_gamma        90.00 
_cell.Z_PDB              8 
_cell.pdbx_unique_axis   ? 
# 
_symmetry.entry_id                         1ZF9 
_symmetry.space_group_name_H-M             'P 21 21 21' 
_symmetry.pdbx_full_space_group_name_H-M   ? 
_symmetry.cell_setting                     ? 
_symmetry.Int_Tables_number                19 
_symmetry.space_group_name_Hall            ? 
# 
_exptl.entry_id          1ZF9 
_exptl.method            'X-RAY DIFFRACTION' 
_exptl.crystals_number   2 
# 
_exptl_crystal.id                    1 
_exptl_crystal.density_meas          ? 
_exptl_crystal.density_Matthews      2.06 
_exptl_crystal.density_percent_sol   40.22 
_exptl_crystal.description           ? 
_exptl_crystal.F_000                 ? 
_exptl_crystal.preparation           ? 
# 
_exptl_crystal_grow.crystal_id      1 
_exptl_crystal_grow.method          ? 
_exptl_crystal_grow.temp            298 
_exptl_crystal_grow.temp_details    ? 
_exptl_crystal_grow.pH              7.00 
_exptl_crystal_grow.pdbx_details    
'Na Cacodylate, CaCl2, Spermine, MPD in resevoir, pH 7.0, VAPOR DIFFUSION, SITTING DROP, temperature 298K, pH 7.00' 
_exptl_crystal_grow.pdbx_pH_range   . 
# 
loop_
_exptl_crystal_grow_comp.crystal_id 
_exptl_crystal_grow_comp.id 
_exptl_crystal_grow_comp.sol_id 
_exptl_crystal_grow_comp.name 
_exptl_crystal_grow_comp.conc 
_exptl_crystal_grow_comp.volume 
_exptl_crystal_grow_comp.details 
1 1 1 'Na Cacodylate' ? ? ? 
1 2 1 CaCl2           ? ? ? 
1 3 1 Spermine        ? ? ? 
1 4 1 MPD             ? ? ? 
1 5 1 H2O             ? ? ? 
1 6 2 'Na Cacodylate' ? ? ? 
1 7 2 CaCl2           ? ? ? 
1 8 2 MPD             ? ? ? 
1 9 2 H2O             ? ? ? 
# 
loop_
_diffrn.id 
_diffrn.ambient_temp 
_diffrn.ambient_temp_details 
_diffrn.crystal_id 
1 103 ? 1 
2 103 ? 1 
# 
loop_
_diffrn_detector.diffrn_id 
_diffrn_detector.detector 
_diffrn_detector.type 
_diffrn_detector.pdbx_collection_date 
_diffrn_detector.details 
1 CCD           MARRESEARCH       2003-06-14 ? 
2 'IMAGE PLATE' 'RIGAKU RAXIS IV' 2003-02-02 ? 
# 
_diffrn_radiation.diffrn_id                        1 
_diffrn_radiation.wavelength_id                    1 
_diffrn_radiation.pdbx_monochromatic_or_laue_m_l   M 
_diffrn_radiation.monochromator                    ? 
_diffrn_radiation.pdbx_diffrn_protocol             'SINGLE WAVELENGTH' 
_diffrn_radiation.pdbx_scattering_type             x-ray 
# 
loop_
_diffrn_radiation_wavelength.id 
_diffrn_radiation_wavelength.wavelength 
_diffrn_radiation_wavelength.wt 
1 0.972 1.0 
2 1.542 1.0 
# 
loop_
_diffrn_source.diffrn_id 
_diffrn_source.source 
_diffrn_source.type 
_diffrn_source.pdbx_wavelength_list 
_diffrn_source.pdbx_wavelength 
_diffrn_source.pdbx_synchrotron_site 
_diffrn_source.pdbx_synchrotron_beamline 
1 SYNCHROTRON      'APS BEAMLINE 14-ID-B' 0.972 ? APS 14-ID-B 
2 'ROTATING ANODE' 'RIGAKU RUH3R'         1.542 ? ?   ?       
# 
_reflns.entry_id                     1ZF9 
_reflns.observed_criterion_sigma_I   0.000 
_reflns.observed_criterion_sigma_F   ? 
_reflns.d_resolution_low             99.000 
_reflns.d_resolution_high            1.350 
_reflns.number_obs                   10745 
_reflns.number_all                   ? 
_reflns.percent_possible_obs         92.2 
_reflns.pdbx_Rmerge_I_obs            0.037 
_reflns.pdbx_Rsym_value              ? 
_reflns.pdbx_netI_over_sigmaI        29.4000 
_reflns.B_iso_Wilson_estimate        5.0 
_reflns.pdbx_redundancy              ? 
_reflns.R_free_details               ? 
_reflns.pdbx_chi_squared             ? 
_reflns.pdbx_scaling_rejects         ? 
_reflns.pdbx_diffrn_id               1 
_reflns.pdbx_ordinal                 1 
# 
_reflns_shell.d_res_high             1.35 
_reflns_shell.d_res_low              1.40 
_reflns_shell.percent_possible_all   48.2 
_reflns_shell.Rmerge_I_obs           0.297 
_reflns_shell.pdbx_Rsym_value        ? 
_reflns_shell.meanI_over_sigI_obs    2.000 
_reflns_shell.pdbx_redundancy        ? 
_reflns_shell.percent_possible_obs   ? 
_reflns_shell.number_unique_all      ? 
_reflns_shell.number_measured_all    ? 
_reflns_shell.number_measured_obs    ? 
_reflns_shell.number_unique_obs      ? 
_reflns_shell.pdbx_chi_squared       ? 
_reflns_shell.pdbx_diffrn_id         ? 
_reflns_shell.pdbx_ordinal           1 
# 
_refine.entry_id                                 1ZF9 
_refine.ls_number_reflns_obs                     10051 
_refine.ls_number_reflns_all                     ? 
_refine.pdbx_ls_sigma_I                          ? 
_refine.pdbx_ls_sigma_F                          0.000 
_refine.pdbx_data_cutoff_high_absF               53828.80 
_refine.pdbx_data_cutoff_low_absF                0.00 
_refine.pdbx_data_cutoff_high_rms_absF           ? 
_refine.ls_d_res_low                             18.99 
_refine.ls_d_res_high                            1.38 
_refine.ls_percent_reflns_obs                    92.5 
_refine.ls_R_factor_obs                          0.237 
_refine.ls_R_factor_all                          ? 
_refine.ls_R_factor_R_work                       0.237 
_refine.ls_R_factor_R_free                       0.259 
_refine.ls_R_factor_R_free_error                 0.008 
_refine.ls_R_factor_R_free_error_details         ? 
_refine.ls_percent_reflns_R_free                 10.3 
_refine.ls_number_reflns_R_free                  1034 
_refine.ls_number_parameters                     ? 
_refine.ls_number_restraints                     ? 
_refine.occupancy_min                            ? 
_refine.occupancy_max                            ? 
_refine.correlation_coeff_Fo_to_Fc               ? 
_refine.correlation_coeff_Fo_to_Fc_free          ? 
_refine.B_iso_mean                               6.1 
_refine.aniso_B[1][1]                            -1.25000 
_refine.aniso_B[2][2]                            0.13900 
_refine.aniso_B[3][3]                            1.11100 
_refine.aniso_B[1][2]                            0.00000 
_refine.aniso_B[1][3]                            0.00000 
_refine.aniso_B[2][3]                            0.00000 
_refine.solvent_model_details                    'FLAT MODEL' 
_refine.solvent_model_param_ksol                 0.7443 
_refine.solvent_model_param_bsol                 80.17 
_refine.pdbx_solvent_vdw_probe_radii             ? 
_refine.pdbx_solvent_ion_probe_radii             ? 
_refine.pdbx_solvent_shrinkage_radii             ? 
_refine.pdbx_ls_cross_valid_method               THROUGHOUT 
_refine.details                                  
'STRUCTURE NOT REFINED TO ITS LOWEST R AND RFREE VALUES. PLEASE REFER TO CITATION ABOVE FOR MORE DETAILS.' 
_refine.pdbx_starting_model                      'ndb entry ADJ049' 
_refine.pdbx_method_to_determine_struct          'MOLECULAR REPLACEMENT' 
_refine.pdbx_isotropic_thermal_model             RESTRAINED 
_refine.pdbx_stereochemistry_target_values       'MAXIMUM LIKELIHOOD' 
_refine.pdbx_stereochem_target_val_spec_case     ? 
_refine.pdbx_R_Free_selection_details            RANDOM 
_refine.pdbx_overall_ESU_R                       ? 
_refine.pdbx_overall_ESU_R_Free                  ? 
_refine.overall_SU_ML                            ? 
_refine.overall_SU_B                             ? 
_refine.ls_redundancy_reflns_obs                 ? 
_refine.overall_SU_R_Cruickshank_DPI             ? 
_refine.overall_SU_R_free                        ? 
_refine.ls_wR_factor_R_free                      ? 
_refine.ls_wR_factor_R_work                      ? 
_refine.overall_FOM_free_R_set                   ? 
_refine.overall_FOM_work_R_set                   ? 
_refine.pdbx_refine_id                           'X-RAY DIFFRACTION' 
_refine.pdbx_diffrn_id                           1 
_refine.pdbx_TLS_residual_ADP_flag               ? 
_refine.pdbx_overall_phase_error                 ? 
_refine.pdbx_overall_SU_R_free_Cruickshank_DPI   ? 
_refine.pdbx_overall_SU_R_Blow_DPI               ? 
_refine.pdbx_overall_SU_R_free_Blow_DPI          ? 
# 
_refine_analyze.entry_id                        1ZF9 
_refine_analyze.Luzzati_coordinate_error_obs    0.18 
_refine_analyze.Luzzati_sigma_a_obs             0.08 
_refine_analyze.Luzzati_d_res_low_obs           5.00 
_refine_analyze.Luzzati_coordinate_error_free   0.21 
_refine_analyze.Luzzati_sigma_a_free            0.16 
_refine_analyze.Luzzati_d_res_low_free          ? 
_refine_analyze.number_disordered_residues      ? 
_refine_analyze.occupancy_sum_hydrogen          ? 
_refine_analyze.occupancy_sum_non_hydrogen      ? 
_refine_analyze.pdbx_refine_id                  'X-RAY DIFFRACTION' 
# 
_refine_hist.pdbx_refine_id                   'X-RAY DIFFRACTION' 
_refine_hist.cycle_id                         LAST 
_refine_hist.pdbx_number_atoms_protein        0 
_refine_hist.pdbx_number_atoms_nucleic_acid   404 
_refine_hist.pdbx_number_atoms_ligand         2 
_refine_hist.number_atoms_solvent             94 
_refine_hist.number_atoms_total               500 
_refine_hist.d_res_high                       1.38 
_refine_hist.d_res_low                        18.99 
# 
loop_
_refine_ls_restr.type 
_refine_ls_restr.dev_ideal 
_refine_ls_restr.dev_ideal_target 
_refine_ls_restr.weight 
_refine_ls_restr.number 
_refine_ls_restr.pdbx_refine_id 
_refine_ls_restr.pdbx_restraint_function 
c_bond_d                0.028 ?     ? ? 'X-RAY DIFFRACTION' ? 
c_bond_d_na             ?     ?     ? ? 'X-RAY DIFFRACTION' ? 
c_bond_d_prot           ?     ?     ? ? 'X-RAY DIFFRACTION' ? 
c_angle_d               ?     ?     ? ? 'X-RAY DIFFRACTION' ? 
c_angle_d_na            ?     ?     ? ? 'X-RAY DIFFRACTION' ? 
c_angle_d_prot          ?     ?     ? ? 'X-RAY DIFFRACTION' ? 
c_angle_deg             2.9   ?     ? ? 'X-RAY DIFFRACTION' ? 
c_angle_deg_na          ?     ?     ? ? 'X-RAY DIFFRACTION' ? 
c_angle_deg_prot        ?     ?     ? ? 'X-RAY DIFFRACTION' ? 
c_dihedral_angle_d      35.9  ?     ? ? 'X-RAY DIFFRACTION' ? 
c_dihedral_angle_d_na   ?     ?     ? ? 'X-RAY DIFFRACTION' ? 
c_dihedral_angle_d_prot ?     ?     ? ? 'X-RAY DIFFRACTION' ? 
c_improper_angle_d      2.74  ?     ? ? 'X-RAY DIFFRACTION' ? 
c_improper_angle_d_na   ?     ?     ? ? 'X-RAY DIFFRACTION' ? 
c_improper_angle_d_prot ?     ?     ? ? 'X-RAY DIFFRACTION' ? 
c_mcbond_it             0.464 ?     ? ? 'X-RAY DIFFRACTION' ? 
c_mcangle_it            0.613 0.000 ? ? 'X-RAY DIFFRACTION' ? 
c_scbond_it             0.964 0.000 ? ? 'X-RAY DIFFRACTION' ? 
c_scangle_it            1.426 0.000 ? ? 'X-RAY DIFFRACTION' ? 
# 
_refine_ls_shell.pdbx_total_number_of_bins_used   6 
_refine_ls_shell.d_res_high                       1.38 
_refine_ls_shell.d_res_low                        1.47 
_refine_ls_shell.number_reflns_R_work             1234 
_refine_ls_shell.R_factor_R_work                  0.253 
_refine_ls_shell.percent_reflns_obs               76.9 
_refine_ls_shell.R_factor_R_free                  0.312 
_refine_ls_shell.R_factor_R_free_error            0.028 
_refine_ls_shell.percent_reflns_R_free            9.1 
_refine_ls_shell.number_reflns_R_free             124 
_refine_ls_shell.redundancy_reflns_obs            ? 
_refine_ls_shell.pdbx_refine_id                   'X-RAY DIFFRACTION' 
_refine_ls_shell.number_reflns_all                ? 
_refine_ls_shell.R_factor_all                     ? 
# 
loop_
_pdbx_xplor_file.serial_no 
_pdbx_xplor_file.param_file 
_pdbx_xplor_file.topol_file 
_pdbx_xplor_file.pdbx_refine_id 
1 CNS_TOPPAR:DNA-RNA_REP.PARAM CNS_TOPPAR:DNA-RNA.TOP  'X-RAY DIFFRACTION' 
2 CNS_TOPPAR:WATER_REP.PARAM   CNS_TOPPAR:DNA-RNA.LINK 'X-RAY DIFFRACTION' 
3 CNS_TOPPAR:ION.PARAM         CNS_TOPPAR:WATER.TOP    'X-RAY DIFFRACTION' 
4 ?                            CNS_TOPPAR:ION.TOP      'X-RAY DIFFRACTION' 
# 
_struct.entry_id                  1ZF9 
_struct.title                     'GGG Duplex A-DNA' 
_struct.pdbx_model_details        ? 
_struct.pdbx_CASP_flag            ? 
_struct.pdbx_model_type_details   ? 
# 
_struct_keywords.text            'Crystallographic Screen, DNA Structure, Holliday Junction, Molecular Structure, DNA' 
_struct_keywords.entry_id        1ZF9 
_struct_keywords.pdbx_keywords   DNA 
# 
loop_
_struct_asym.id 
_struct_asym.pdbx_blank_PDB_chainid_flag 
_struct_asym.pdbx_modified 
_struct_asym.entity_id 
_struct_asym.details 
A N N 1 ? 
B N N 1 ? 
C N N 2 ? 
D N N 2 ? 
E N N 3 ? 
F N N 3 ? 
# 
_struct_ref.id                         1 
_struct_ref.entity_id                  1 
_struct_ref.db_name                    PDB 
_struct_ref.db_code                    1ZF9 
_struct_ref.pdbx_db_accession          1ZF9 
_struct_ref.pdbx_db_isoform            ? 
_struct_ref.pdbx_seq_one_letter_code   ? 
_struct_ref.pdbx_align_begin           ? 
# 
loop_
_struct_ref_seq.align_id 
_struct_ref_seq.ref_id 
_struct_ref_seq.pdbx_PDB_id_code 
_struct_ref_seq.pdbx_strand_id 
_struct_ref_seq.seq_align_beg 
_struct_ref_seq.pdbx_seq_align_beg_ins_code 
_struct_ref_seq.seq_align_end 
_struct_ref_seq.pdbx_seq_align_end_ins_code 
_struct_ref_seq.pdbx_db_accession 
_struct_ref_seq.db_align_beg 
_struct_ref_seq.pdbx_db_align_beg_ins_code 
_struct_ref_seq.db_align_end 
_struct_ref_seq.pdbx_db_align_end_ins_code 
_struct_ref_seq.pdbx_auth_seq_align_beg 
_struct_ref_seq.pdbx_auth_seq_align_end 
1 1 1ZF9 A 1 ? 10 ? 1ZF9 1  ? 10 ? 1  10 
2 1 1ZF9 B 1 ? 10 ? 1ZF9 11 ? 20 ? 11 20 
# 
_pdbx_struct_assembly.id                   1 
_pdbx_struct_assembly.details              author_defined_assembly 
_pdbx_struct_assembly.method_details       ? 
_pdbx_struct_assembly.oligomeric_details   dimeric 
_pdbx_struct_assembly.oligomeric_count     2 
# 
_pdbx_struct_assembly_gen.assembly_id       1 
_pdbx_struct_assembly_gen.oper_expression   1 
_pdbx_struct_assembly_gen.asym_id_list      A,B,C,D,E,F 
# 
_pdbx_struct_oper_list.id                   1 
_pdbx_struct_oper_list.type                 'identity operation' 
_pdbx_struct_oper_list.name                 1_555 
_pdbx_struct_oper_list.symmetry_operation   x,y,z 
_pdbx_struct_oper_list.matrix[1][1]         1.0000000000 
_pdbx_struct_oper_list.matrix[1][2]         0.0000000000 
_pdbx_struct_oper_list.matrix[1][3]         0.0000000000 
_pdbx_struct_oper_list.vector[1]            0.0000000000 
_pdbx_struct_oper_list.matrix[2][1]         0.0000000000 
_pdbx_struct_oper_list.matrix[2][2]         1.0000000000 
_pdbx_struct_oper_list.matrix[2][3]         0.0000000000 
_pdbx_struct_oper_list.vector[2]            0.0000000000 
_pdbx_struct_oper_list.matrix[3][1]         0.0000000000 
_pdbx_struct_oper_list.matrix[3][2]         0.0000000000 
_pdbx_struct_oper_list.matrix[3][3]         1.0000000000 
_pdbx_struct_oper_list.vector[3]            0.0000000000 
# 
_struct_biol.id                    1 
_struct_biol.pdbx_parent_biol_id   ? 
_struct_biol.details               ? 
# 
loop_
_struct_conn.id 
_struct_conn.conn_type_id 
_struct_conn.pdbx_leaving_atom_flag 
_struct_conn.pdbx_PDB_id 
_struct_conn.ptnr1_label_asym_id 
_struct_conn.ptnr1_label_comp_id 
_struct_conn.ptnr1_label_seq_id 
_struct_conn.ptnr1_label_atom_id 
_struct_conn.pdbx_ptnr1_label_alt_id 
_struct_conn.pdbx_ptnr1_PDB_ins_code 
_struct_conn.pdbx_ptnr1_standard_comp_id 
_struct_conn.ptnr1_symmetry 
_struct_conn.ptnr2_label_asym_id 
_struct_conn.ptnr2_label_comp_id 
_struct_conn.ptnr2_label_seq_id 
_struct_conn.ptnr2_label_atom_id 
_struct_conn.pdbx_ptnr2_label_alt_id 
_struct_conn.pdbx_ptnr2_PDB_ins_code 
_struct_conn.ptnr1_auth_asym_id 
_struct_conn.ptnr1_auth_comp_id 
_struct_conn.ptnr1_auth_seq_id 
_struct_conn.ptnr2_auth_asym_id 
_struct_conn.ptnr2_auth_comp_id 
_struct_conn.ptnr2_auth_seq_id 
_struct_conn.ptnr2_symmetry 
_struct_conn.pdbx_ptnr3_label_atom_id 
_struct_conn.pdbx_ptnr3_label_seq_id 
_struct_conn.pdbx_ptnr3_label_comp_id 
_struct_conn.pdbx_ptnr3_label_asym_id 
_struct_conn.pdbx_ptnr3_label_alt_id 
_struct_conn.pdbx_ptnr3_PDB_ins_code 
_struct_conn.details 
_struct_conn.pdbx_dist_value 
_struct_conn.pdbx_value_order 
_struct_conn.pdbx_role 
metalc1  metalc ? ? C NA .  NA ? ? ? 1_555 E HOH .  O  ? ? A NA 64 A HOH 79 1_555 ? ? ? ? ? ? ?            2.854 ? ? 
metalc2  metalc ? ? C NA .  NA ? ? ? 1_555 E HOH .  O  ? ? A NA 64 A HOH 88 1_555 ? ? ? ? ? ? ?            2.618 ? ? 
metalc3  metalc ? ? B DG 7  O6 ? ? ? 1_555 D NA  .  NA ? ? B DG 17 B NA  35 1_555 ? ? ? ? ? ? ?            2.502 ? ? 
metalc4  metalc ? ? D NA .  NA ? ? ? 1_555 F HOH .  O  ? ? B NA 35 B HOH 37 1_555 ? ? ? ? ? ? ?            2.280 ? ? 
metalc5  metalc ? ? D NA .  NA ? ? ? 1_555 F HOH .  O  ? ? B NA 35 B HOH 47 1_555 ? ? ? ? ? ? ?            2.531 ? ? 
metalc6  metalc ? ? D NA .  NA ? ? ? 1_555 F HOH .  O  ? ? B NA 35 B HOH 73 1_555 ? ? ? ? ? ? ?            2.263 ? ? 
metalc7  metalc ? ? D NA .  NA ? ? ? 1_555 F HOH .  O  ? ? B NA 35 B HOH 81 1_555 ? ? ? ? ? ? ?            2.494 ? ? 
hydrog1  hydrog ? ? A DC 1  O2 ? ? ? 1_555 B DG  10 N1 ? ? A DC 1  B DG  20 1_555 ? ? ? ? ? ? 'DC-DG PAIR' ?     ? ? 
hydrog2  hydrog ? ? A DC 2  N3 ? ? ? 1_555 B DG  9  N1 ? ? A DC 2  B DG  19 1_555 ? ? ? ? ? ? WATSON-CRICK ?     ? ? 
hydrog3  hydrog ? ? A DC 2  N4 ? ? ? 1_555 B DG  9  O6 ? ? A DC 2  B DG  19 1_555 ? ? ? ? ? ? WATSON-CRICK ?     ? ? 
hydrog4  hydrog ? ? A DC 2  O2 ? ? ? 1_555 B DG  9  N2 ? ? A DC 2  B DG  19 1_555 ? ? ? ? ? ? WATSON-CRICK ?     ? ? 
hydrog5  hydrog ? ? A DC 3  N3 ? ? ? 1_555 B DG  8  N1 ? ? A DC 3  B DG  18 1_555 ? ? ? ? ? ? WATSON-CRICK ?     ? ? 
hydrog6  hydrog ? ? A DC 3  N4 ? ? ? 1_555 B DG  8  O6 ? ? A DC 3  B DG  18 1_555 ? ? ? ? ? ? WATSON-CRICK ?     ? ? 
hydrog7  hydrog ? ? A DC 3  O2 ? ? ? 1_555 B DG  8  N2 ? ? A DC 3  B DG  18 1_555 ? ? ? ? ? ? WATSON-CRICK ?     ? ? 
hydrog8  hydrog ? ? A DC 4  N3 ? ? ? 1_555 B DG  7  N1 ? ? A DC 4  B DG  17 1_555 ? ? ? ? ? ? WATSON-CRICK ?     ? ? 
hydrog9  hydrog ? ? A DC 4  N4 ? ? ? 1_555 B DG  7  O6 ? ? A DC 4  B DG  17 1_555 ? ? ? ? ? ? WATSON-CRICK ?     ? ? 
hydrog10 hydrog ? ? A DC 4  O2 ? ? ? 1_555 B DG  7  N2 ? ? A DC 4  B DG  17 1_555 ? ? ? ? ? ? WATSON-CRICK ?     ? ? 
hydrog11 hydrog ? ? A DC 5  N3 ? ? ? 1_555 B DG  6  N1 ? ? A DC 5  B DG  16 1_555 ? ? ? ? ? ? WATSON-CRICK ?     ? ? 
hydrog12 hydrog ? ? A DC 5  N4 ? ? ? 1_555 B DG  6  O6 ? ? A DC 5  B DG  16 1_555 ? ? ? ? ? ? WATSON-CRICK ?     ? ? 
hydrog13 hydrog ? ? A DC 5  O2 ? ? ? 1_555 B DG  6  N2 ? ? A DC 5  B DG  16 1_555 ? ? ? ? ? ? WATSON-CRICK ?     ? ? 
hydrog14 hydrog ? ? A DG 6  N1 ? ? ? 1_555 B DC  5  N3 ? ? A DG 6  B DC  15 1_555 ? ? ? ? ? ? WATSON-CRICK ?     ? ? 
hydrog15 hydrog ? ? A DG 6  N2 ? ? ? 1_555 B DC  5  O2 ? ? A DG 6  B DC  15 1_555 ? ? ? ? ? ? WATSON-CRICK ?     ? ? 
hydrog16 hydrog ? ? A DG 6  O6 ? ? ? 1_555 B DC  5  N4 ? ? A DG 6  B DC  15 1_555 ? ? ? ? ? ? WATSON-CRICK ?     ? ? 
hydrog17 hydrog ? ? A DG 7  N1 ? ? ? 1_555 B DC  4  N3 ? ? A DG 7  B DC  14 1_555 ? ? ? ? ? ? WATSON-CRICK ?     ? ? 
hydrog18 hydrog ? ? A DG 7  N2 ? ? ? 1_555 B DC  4  O2 ? ? A DG 7  B DC  14 1_555 ? ? ? ? ? ? WATSON-CRICK ?     ? ? 
hydrog19 hydrog ? ? A DG 7  O6 ? ? ? 1_555 B DC  4  N4 ? ? A DG 7  B DC  14 1_555 ? ? ? ? ? ? WATSON-CRICK ?     ? ? 
hydrog20 hydrog ? ? A DG 8  N1 ? ? ? 1_555 B DC  3  N3 ? ? A DG 8  B DC  13 1_555 ? ? ? ? ? ? WATSON-CRICK ?     ? ? 
hydrog21 hydrog ? ? A DG 8  N2 ? ? ? 1_555 B DC  3  O2 ? ? A DG 8  B DC  13 1_555 ? ? ? ? ? ? WATSON-CRICK ?     ? ? 
hydrog22 hydrog ? ? A DG 8  O6 ? ? ? 1_555 B DC  3  N4 ? ? A DG 8  B DC  13 1_555 ? ? ? ? ? ? WATSON-CRICK ?     ? ? 
hydrog23 hydrog ? ? A DG 9  N1 ? ? ? 1_555 B DC  2  N3 ? ? A DG 9  B DC  12 1_555 ? ? ? ? ? ? WATSON-CRICK ?     ? ? 
hydrog24 hydrog ? ? A DG 9  N2 ? ? ? 1_555 B DC  2  O2 ? ? A DG 9  B DC  12 1_555 ? ? ? ? ? ? WATSON-CRICK ?     ? ? 
hydrog25 hydrog ? ? A DG 9  O6 ? ? ? 1_555 B DC  2  N4 ? ? A DG 9  B DC  12 1_555 ? ? ? ? ? ? WATSON-CRICK ?     ? ? 
hydrog26 hydrog ? ? A DG 10 N1 ? ? ? 1_555 B DC  1  N3 ? ? A DG 10 B DC  11 1_555 ? ? ? ? ? ? WATSON-CRICK ?     ? ? 
hydrog27 hydrog ? ? A DG 10 N2 ? ? ? 1_555 B DC  1  O2 ? ? A DG 10 B DC  11 1_555 ? ? ? ? ? ? WATSON-CRICK ?     ? ? 
hydrog28 hydrog ? ? A DG 10 O6 ? ? ? 1_555 B DC  1  N4 ? ? A DG 10 B DC  11 1_555 ? ? ? ? ? ? WATSON-CRICK ?     ? ? 
# 
loop_
_struct_conn_type.id 
_struct_conn_type.criteria 
_struct_conn_type.reference 
metalc ? ? 
hydrog ? ? 
# 
loop_
_pdbx_struct_conn_angle.id 
_pdbx_struct_conn_angle.ptnr1_label_atom_id 
_pdbx_struct_conn_angle.ptnr1_label_alt_id 
_pdbx_struct_conn_angle.ptnr1_label_asym_id 
_pdbx_struct_conn_angle.ptnr1_label_comp_id 
_pdbx_struct_conn_angle.ptnr1_label_seq_id 
_pdbx_struct_conn_angle.ptnr1_auth_atom_id 
_pdbx_struct_conn_angle.ptnr1_auth_asym_id 
_pdbx_struct_conn_angle.ptnr1_auth_comp_id 
_pdbx_struct_conn_angle.ptnr1_auth_seq_id 
_pdbx_struct_conn_angle.ptnr1_PDB_ins_code 
_pdbx_struct_conn_angle.ptnr1_symmetry 
_pdbx_struct_conn_angle.ptnr2_label_atom_id 
_pdbx_struct_conn_angle.ptnr2_label_alt_id 
_pdbx_struct_conn_angle.ptnr2_label_asym_id 
_pdbx_struct_conn_angle.ptnr2_label_comp_id 
_pdbx_struct_conn_angle.ptnr2_label_seq_id 
_pdbx_struct_conn_angle.ptnr2_auth_atom_id 
_pdbx_struct_conn_angle.ptnr2_auth_asym_id 
_pdbx_struct_conn_angle.ptnr2_auth_comp_id 
_pdbx_struct_conn_angle.ptnr2_auth_seq_id 
_pdbx_struct_conn_angle.ptnr2_PDB_ins_code 
_pdbx_struct_conn_angle.ptnr2_symmetry 
_pdbx_struct_conn_angle.ptnr3_label_atom_id 
_pdbx_struct_conn_angle.ptnr3_label_alt_id 
_pdbx_struct_conn_angle.ptnr3_label_asym_id 
_pdbx_struct_conn_angle.ptnr3_label_comp_id 
_pdbx_struct_conn_angle.ptnr3_label_seq_id 
_pdbx_struct_conn_angle.ptnr3_auth_atom_id 
_pdbx_struct_conn_angle.ptnr3_auth_asym_id 
_pdbx_struct_conn_angle.ptnr3_auth_comp_id 
_pdbx_struct_conn_angle.ptnr3_auth_seq_id 
_pdbx_struct_conn_angle.ptnr3_PDB_ins_code 
_pdbx_struct_conn_angle.ptnr3_symmetry 
_pdbx_struct_conn_angle.value 
_pdbx_struct_conn_angle.value_esd 
1  O  ? E HOH . ? A HOH 79 ? 1_555 NA ? C NA . ? A NA 64 ? 1_555 O ? E HOH . ? A HOH 88 ? 1_555 112.3 ? 
2  O6 ? B DG  7 ? B DG  17 ? 1_555 NA ? D NA . ? B NA 35 ? 1_555 O ? F HOH . ? B HOH 37 ? 1_555 73.8  ? 
3  O6 ? B DG  7 ? B DG  17 ? 1_555 NA ? D NA . ? B NA 35 ? 1_555 O ? F HOH . ? B HOH 47 ? 1_555 71.0  ? 
4  O  ? F HOH . ? B HOH 37 ? 1_555 NA ? D NA . ? B NA 35 ? 1_555 O ? F HOH . ? B HOH 47 ? 1_555 113.1 ? 
5  O6 ? B DG  7 ? B DG  17 ? 1_555 NA ? D NA . ? B NA 35 ? 1_555 O ? F HOH . ? B HOH 73 ? 1_555 159.7 ? 
6  O  ? F HOH . ? B HOH 37 ? 1_555 NA ? D NA . ? B NA 35 ? 1_555 O ? F HOH . ? B HOH 73 ? 1_555 99.7  ? 
7  O  ? F HOH . ? B HOH 47 ? 1_555 NA ? D NA . ? B NA 35 ? 1_555 O ? F HOH . ? B HOH 73 ? 1_555 95.0  ? 
8  O6 ? B DG  7 ? B DG  17 ? 1_555 NA ? D NA . ? B NA 35 ? 1_555 O ? F HOH . ? B HOH 81 ? 1_555 107.3 ? 
9  O  ? F HOH . ? B HOH 37 ? 1_555 NA ? D NA . ? B NA 35 ? 1_555 O ? F HOH . ? B HOH 81 ? 1_555 169.7 ? 
10 O  ? F HOH . ? B HOH 47 ? 1_555 NA ? D NA . ? B NA 35 ? 1_555 O ? F HOH . ? B HOH 81 ? 1_555 58.9  ? 
11 O  ? F HOH . ? B HOH 73 ? 1_555 NA ? D NA . ? B NA 35 ? 1_555 O ? F HOH . ? B HOH 81 ? 1_555 75.7  ? 
# 
loop_
_struct_site.id 
_struct_site.pdbx_evidence_code 
_struct_site.pdbx_auth_asym_id 
_struct_site.pdbx_auth_comp_id 
_struct_site.pdbx_auth_seq_id 
_struct_site.pdbx_auth_ins_code 
_struct_site.pdbx_num_residues 
_struct_site.details 
AC1 Software B NA 35 ? 5 'BINDING SITE FOR RESIDUE NA B 35' 
AC2 Software A NA 64 ? 4 'BINDING SITE FOR RESIDUE NA A 64' 
# 
loop_
_struct_site_gen.id 
_struct_site_gen.site_id 
_struct_site_gen.pdbx_num_res 
_struct_site_gen.label_comp_id 
_struct_site_gen.label_asym_id 
_struct_site_gen.label_seq_id 
_struct_site_gen.pdbx_auth_ins_code 
_struct_site_gen.auth_comp_id 
_struct_site_gen.auth_asym_id 
_struct_site_gen.auth_seq_id 
_struct_site_gen.label_atom_id 
_struct_site_gen.label_alt_id 
_struct_site_gen.symmetry 
_struct_site_gen.details 
1 AC1 5 DG  B 7 ? DG  B 17 . ? 1_555 ? 
2 AC1 5 HOH F . ? HOH B 37 . ? 1_555 ? 
3 AC1 5 HOH F . ? HOH B 47 . ? 1_555 ? 
4 AC1 5 HOH F . ? HOH B 73 . ? 1_555 ? 
5 AC1 5 HOH F . ? HOH B 81 . ? 1_555 ? 
6 AC2 4 DC  A 1 ? DC  A 1  . ? 1_555 ? 
7 AC2 4 DG  A 7 ? DG  A 7  . ? 2_555 ? 
8 AC2 4 HOH E . ? HOH A 79 . ? 1_555 ? 
9 AC2 4 HOH E . ? HOH A 88 . ? 1_555 ? 
# 
loop_
_pdbx_validate_close_contact.id 
_pdbx_validate_close_contact.PDB_model_num 
_pdbx_validate_close_contact.auth_atom_id_1 
_pdbx_validate_close_contact.auth_asym_id_1 
_pdbx_validate_close_contact.auth_comp_id_1 
_pdbx_validate_close_contact.auth_seq_id_1 
_pdbx_validate_close_contact.PDB_ins_code_1 
_pdbx_validate_close_contact.label_alt_id_1 
_pdbx_validate_close_contact.auth_atom_id_2 
_pdbx_validate_close_contact.auth_asym_id_2 
_pdbx_validate_close_contact.auth_comp_id_2 
_pdbx_validate_close_contact.auth_seq_id_2 
_pdbx_validate_close_contact.PDB_ins_code_2 
_pdbx_validate_close_contact.label_alt_id_2 
_pdbx_validate_close_contact.dist 
1  1 O     A HOH 41  ? ? O A HOH 54  ? ? 1.61 
2  1 OP2   B DG  18  ? ? O B HOH 49  ? ? 1.89 
3  1 "C4'" A DC  1   ? ? O A HOH 79  ? ? 2.01 
4  1 O     A HOH 89  ? ? O B HOH 75  ? ? 2.01 
5  1 O     A HOH 58  ? ? O A HOH 72  ? ? 2.05 
6  1 O     A HOH 111 ? ? O B HOH 75  ? ? 2.06 
7  1 O     A HOH 50  ? ? O A HOH 91  ? ? 2.07 
8  1 O     A HOH 21  ? ? O A HOH 26  ? ? 2.09 
9  1 OP1   A DC  4   ? ? O A HOH 116 ? ? 2.10 
10 1 "O3'" B DG  19  ? ? O B HOH 99  ? ? 2.13 
11 1 O     A HOH 109 ? ? O A HOH 118 ? ? 2.16 
# 
loop_
_pdbx_validate_symm_contact.id 
_pdbx_validate_symm_contact.PDB_model_num 
_pdbx_validate_symm_contact.auth_atom_id_1 
_pdbx_validate_symm_contact.auth_asym_id_1 
_pdbx_validate_symm_contact.auth_comp_id_1 
_pdbx_validate_symm_contact.auth_seq_id_1 
_pdbx_validate_symm_contact.PDB_ins_code_1 
_pdbx_validate_symm_contact.label_alt_id_1 
_pdbx_validate_symm_contact.site_symmetry_1 
_pdbx_validate_symm_contact.auth_atom_id_2 
_pdbx_validate_symm_contact.auth_asym_id_2 
_pdbx_validate_symm_contact.auth_comp_id_2 
_pdbx_validate_symm_contact.auth_seq_id_2 
_pdbx_validate_symm_contact.PDB_ins_code_2 
_pdbx_validate_symm_contact.label_alt_id_2 
_pdbx_validate_symm_contact.site_symmetry_2 
_pdbx_validate_symm_contact.dist 
1 1 "O5'" B DG  20 ? ? 1_555 O A HOH 63 ? ? 2_555 1.84 
2 1 O     A HOH 51 ? ? 1_555 O B HOH 99 ? ? 3_546 2.05 
# 
loop_
_pdbx_validate_rmsd_bond.id 
_pdbx_validate_rmsd_bond.PDB_model_num 
_pdbx_validate_rmsd_bond.auth_atom_id_1 
_pdbx_validate_rmsd_bond.auth_asym_id_1 
_pdbx_validate_rmsd_bond.auth_comp_id_1 
_pdbx_validate_rmsd_bond.auth_seq_id_1 
_pdbx_validate_rmsd_bond.PDB_ins_code_1 
_pdbx_validate_rmsd_bond.label_alt_id_1 
_pdbx_validate_rmsd_bond.auth_atom_id_2 
_pdbx_validate_rmsd_bond.auth_asym_id_2 
_pdbx_validate_rmsd_bond.auth_comp_id_2 
_pdbx_validate_rmsd_bond.auth_seq_id_2 
_pdbx_validate_rmsd_bond.PDB_ins_code_2 
_pdbx_validate_rmsd_bond.label_alt_id_2 
_pdbx_validate_rmsd_bond.bond_value 
_pdbx_validate_rmsd_bond.bond_target_value 
_pdbx_validate_rmsd_bond.bond_deviation 
_pdbx_validate_rmsd_bond.bond_standard_deviation 
_pdbx_validate_rmsd_bond.linker_flag 
1  1 C2    A DC 3  ? ? O2    A DC 3  ? ? 1.176 1.240 -0.064 0.009 N 
2  1 C2    A DC 4  ? ? N3    A DC 4  ? ? 1.411 1.353 0.058  0.008 N 
3  1 C2    A DC 5  ? ? O2    A DC 5  ? ? 1.303 1.240 0.063  0.009 N 
4  1 N1    A DC 5  ? ? C2    A DC 5  ? ? 1.321 1.397 -0.076 0.010 N 
5  1 C2    A DC 5  ? ? N3    A DC 5  ? ? 1.415 1.353 0.062  0.008 N 
6  1 N3    A DG 6  ? ? C4    A DG 6  ? ? 1.393 1.350 0.043  0.007 N 
7  1 N1    A DG 7  ? ? C2    A DG 7  ? ? 1.303 1.373 -0.070 0.008 N 
8  1 "O3'" A DG 10 ? ? "C3'" A DG 10 ? ? 1.342 1.419 -0.077 0.006 N 
9  1 C2    B DC 11 ? ? O2    B DC 11 ? ? 1.178 1.240 -0.062 0.009 N 
10 1 P     B DC 13 ? ? OP2   B DC 13 ? ? 1.369 1.485 -0.116 0.017 N 
11 1 "O3'" B DC 13 ? ? "C3'" B DC 13 ? ? 1.382 1.419 -0.037 0.006 N 
12 1 C2    B DC 15 ? ? O2    B DC 15 ? ? 1.120 1.240 -0.120 0.009 N 
13 1 "O3'" B DG 16 ? ? "C3'" B DG 16 ? ? 1.378 1.419 -0.041 0.006 N 
14 1 C6    B DG 16 ? ? O6    B DG 16 ? ? 1.181 1.237 -0.056 0.009 N 
15 1 N3    B DG 17 ? ? C4    B DG 17 ? ? 1.392 1.350 0.042  0.007 N 
16 1 "O3'" B DG 18 ? ? "C3'" B DG 18 ? ? 1.367 1.419 -0.052 0.006 N 
17 1 C8    B DG 18 ? ? N9    B DG 18 ? ? 1.332 1.374 -0.042 0.007 N 
18 1 C4    B DG 19 ? ? C5    B DG 19 ? ? 1.337 1.379 -0.042 0.007 N 
# 
loop_
_pdbx_validate_rmsd_angle.id 
_pdbx_validate_rmsd_angle.PDB_model_num 
_pdbx_validate_rmsd_angle.auth_atom_id_1 
_pdbx_validate_rmsd_angle.auth_asym_id_1 
_pdbx_validate_rmsd_angle.auth_comp_id_1 
_pdbx_validate_rmsd_angle.auth_seq_id_1 
_pdbx_validate_rmsd_angle.PDB_ins_code_1 
_pdbx_validate_rmsd_angle.label_alt_id_1 
_pdbx_validate_rmsd_angle.auth_atom_id_2 
_pdbx_validate_rmsd_angle.auth_asym_id_2 
_pdbx_validate_rmsd_angle.auth_comp_id_2 
_pdbx_validate_rmsd_angle.auth_seq_id_2 
_pdbx_validate_rmsd_angle.PDB_ins_code_2 
_pdbx_validate_rmsd_angle.label_alt_id_2 
_pdbx_validate_rmsd_angle.auth_atom_id_3 
_pdbx_validate_rmsd_angle.auth_asym_id_3 
_pdbx_validate_rmsd_angle.auth_comp_id_3 
_pdbx_validate_rmsd_angle.auth_seq_id_3 
_pdbx_validate_rmsd_angle.PDB_ins_code_3 
_pdbx_validate_rmsd_angle.label_alt_id_3 
_pdbx_validate_rmsd_angle.angle_value 
_pdbx_validate_rmsd_angle.angle_target_value 
_pdbx_validate_rmsd_angle.angle_deviation 
_pdbx_validate_rmsd_angle.angle_standard_deviation 
_pdbx_validate_rmsd_angle.linker_flag 
1  1 "O5'" A DC 1  ? ? "C5'" A DC 1  ? ? "C4'" A DC 1  ? ? 127.64 111.00 16.64  2.50 N 
2  1 "O4'" A DC 1  ? ? "C1'" A DC 1  ? ? N1    A DC 1  ? ? 102.39 108.00 -5.61  0.70 N 
3  1 "O3'" A DC 1  ? ? P     A DC 2  ? ? OP2   A DC 2  ? ? 86.25  105.20 -18.95 2.20 Y 
4  1 "O3'" A DC 1  ? ? P     A DC 2  ? ? OP1   A DC 2  ? ? 127.08 110.50 16.58  1.10 Y 
5  1 "O4'" A DC 3  ? ? "C4'" A DC 3  ? ? "C3'" A DC 3  ? ? 101.62 104.50 -2.88  0.40 N 
6  1 "O4'" A DG 8  ? ? "C1'" A DG 8  ? ? N9    A DG 8  ? ? 110.41 108.30 2.11   0.30 N 
7  1 "O5'" B DC 11 ? ? "C5'" B DC 11 ? ? "C4'" B DC 11 ? ? 104.41 109.40 -4.99  0.80 N 
8  1 "O4'" B DC 13 ? ? "C1'" B DC 13 ? ? N1    B DC 13 ? ? 110.72 108.30 2.42   0.30 N 
9  1 "O4'" B DG 16 ? ? "C1'" B DG 16 ? ? "C2'" B DG 16 ? ? 110.91 106.80 4.11   0.50 N 
10 1 "O3'" B DG 16 ? ? P     B DG 17 ? ? OP2   B DG 17 ? ? 117.11 110.50 6.61   1.10 Y 
11 1 "O5'" B DG 17 ? ? P     B DG 17 ? ? OP2   B DG 17 ? ? 97.26  105.70 -8.44  0.90 N 
12 1 "C5'" B DG 17 ? ? "C4'" B DG 17 ? ? "C3'" B DG 17 ? ? 123.53 115.70 7.83   1.20 N 
13 1 "O4'" B DG 17 ? ? "C1'" B DG 17 ? ? N9    B DG 17 ? ? 111.24 108.30 2.94   0.30 N 
14 1 "O4'" B DG 19 ? ? "C4'" B DG 19 ? ? "C3'" B DG 19 ? ? 98.52  104.50 -5.98  0.40 N 
# 
loop_
_pdbx_validate_planes.id 
_pdbx_validate_planes.PDB_model_num 
_pdbx_validate_planes.auth_comp_id 
_pdbx_validate_planes.auth_asym_id 
_pdbx_validate_planes.auth_seq_id 
_pdbx_validate_planes.PDB_ins_code 
_pdbx_validate_planes.label_alt_id 
_pdbx_validate_planes.rmsd 
_pdbx_validate_planes.type 
1 1 DC A 5  ? ? 0.079 'SIDE CHAIN' 
2 1 DC B 12 ? ? 0.083 'SIDE CHAIN' 
3 1 DC B 15 ? ? 0.080 'SIDE CHAIN' 
4 1 DG B 16 ? ? 0.051 'SIDE CHAIN' 
# 
loop_
_chem_comp_atom.comp_id 
_chem_comp_atom.atom_id 
_chem_comp_atom.type_symbol 
_chem_comp_atom.pdbx_aromatic_flag 
_chem_comp_atom.pdbx_stereo_config 
_chem_comp_atom.pdbx_ordinal 
DC  OP3    O  N N 1  
DC  P      P  N N 2  
DC  OP1    O  N N 3  
DC  OP2    O  N N 4  
DC  "O5'"  O  N N 5  
DC  "C5'"  C  N N 6  
DC  "C4'"  C  N R 7  
DC  "O4'"  O  N N 8  
DC  "C3'"  C  N S 9  
DC  "O3'"  O  N N 10 
DC  "C2'"  C  N N 11 
DC  "C1'"  C  N R 12 
DC  N1     N  N N 13 
DC  C2     C  N N 14 
DC  O2     O  N N 15 
DC  N3     N  N N 16 
DC  C4     C  N N 17 
DC  N4     N  N N 18 
DC  C5     C  N N 19 
DC  C6     C  N N 20 
DC  HOP3   H  N N 21 
DC  HOP2   H  N N 22 
DC  "H5'"  H  N N 23 
DC  "H5''" H  N N 24 
DC  "H4'"  H  N N 25 
DC  "H3'"  H  N N 26 
DC  "HO3'" H  N N 27 
DC  "H2'"  H  N N 28 
DC  "H2''" H  N N 29 
DC  "H1'"  H  N N 30 
DC  H41    H  N N 31 
DC  H42    H  N N 32 
DC  H5     H  N N 33 
DC  H6     H  N N 34 
DG  OP3    O  N N 35 
DG  P      P  N N 36 
DG  OP1    O  N N 37 
DG  OP2    O  N N 38 
DG  "O5'"  O  N N 39 
DG  "C5'"  C  N N 40 
DG  "C4'"  C  N R 41 
DG  "O4'"  O  N N 42 
DG  "C3'"  C  N S 43 
DG  "O3'"  O  N N 44 
DG  "C2'"  C  N N 45 
DG  "C1'"  C  N R 46 
DG  N9     N  Y N 47 
DG  C8     C  Y N 48 
DG  N7     N  Y N 49 
DG  C5     C  Y N 50 
DG  C6     C  N N 51 
DG  O6     O  N N 52 
DG  N1     N  N N 53 
DG  C2     C  N N 54 
DG  N2     N  N N 55 
DG  N3     N  N N 56 
DG  C4     C  Y N 57 
DG  HOP3   H  N N 58 
DG  HOP2   H  N N 59 
DG  "H5'"  H  N N 60 
DG  "H5''" H  N N 61 
DG  "H4'"  H  N N 62 
DG  "H3'"  H  N N 63 
DG  "HO3'" H  N N 64 
DG  "H2'"  H  N N 65 
DG  "H2''" H  N N 66 
DG  "H1'"  H  N N 67 
DG  H8     H  N N 68 
DG  H1     H  N N 69 
DG  H21    H  N N 70 
DG  H22    H  N N 71 
HOH O      O  N N 72 
HOH H1     H  N N 73 
HOH H2     H  N N 74 
NA  NA     NA N N 75 
# 
loop_
_chem_comp_bond.comp_id 
_chem_comp_bond.atom_id_1 
_chem_comp_bond.atom_id_2 
_chem_comp_bond.value_order 
_chem_comp_bond.pdbx_aromatic_flag 
_chem_comp_bond.pdbx_stereo_config 
_chem_comp_bond.pdbx_ordinal 
DC  OP3   P      sing N N 1  
DC  OP3   HOP3   sing N N 2  
DC  P     OP1    doub N N 3  
DC  P     OP2    sing N N 4  
DC  P     "O5'"  sing N N 5  
DC  OP2   HOP2   sing N N 6  
DC  "O5'" "C5'"  sing N N 7  
DC  "C5'" "C4'"  sing N N 8  
DC  "C5'" "H5'"  sing N N 9  
DC  "C5'" "H5''" sing N N 10 
DC  "C4'" "O4'"  sing N N 11 
DC  "C4'" "C3'"  sing N N 12 
DC  "C4'" "H4'"  sing N N 13 
DC  "O4'" "C1'"  sing N N 14 
DC  "C3'" "O3'"  sing N N 15 
DC  "C3'" "C2'"  sing N N 16 
DC  "C3'" "H3'"  sing N N 17 
DC  "O3'" "HO3'" sing N N 18 
DC  "C2'" "C1'"  sing N N 19 
DC  "C2'" "H2'"  sing N N 20 
DC  "C2'" "H2''" sing N N 21 
DC  "C1'" N1     sing N N 22 
DC  "C1'" "H1'"  sing N N 23 
DC  N1    C2     sing N N 24 
DC  N1    C6     sing N N 25 
DC  C2    O2     doub N N 26 
DC  C2    N3     sing N N 27 
DC  N3    C4     doub N N 28 
DC  C4    N4     sing N N 29 
DC  C4    C5     sing N N 30 
DC  N4    H41    sing N N 31 
DC  N4    H42    sing N N 32 
DC  C5    C6     doub N N 33 
DC  C5    H5     sing N N 34 
DC  C6    H6     sing N N 35 
DG  OP3   P      sing N N 36 
DG  OP3   HOP3   sing N N 37 
DG  P     OP1    doub N N 38 
DG  P     OP2    sing N N 39 
DG  P     "O5'"  sing N N 40 
DG  OP2   HOP2   sing N N 41 
DG  "O5'" "C5'"  sing N N 42 
DG  "C5'" "C4'"  sing N N 43 
DG  "C5'" "H5'"  sing N N 44 
DG  "C5'" "H5''" sing N N 45 
DG  "C4'" "O4'"  sing N N 46 
DG  "C4'" "C3'"  sing N N 47 
DG  "C4'" "H4'"  sing N N 48 
DG  "O4'" "C1'"  sing N N 49 
DG  "C3'" "O3'"  sing N N 50 
DG  "C3'" "C2'"  sing N N 51 
DG  "C3'" "H3'"  sing N N 52 
DG  "O3'" "HO3'" sing N N 53 
DG  "C2'" "C1'"  sing N N 54 
DG  "C2'" "H2'"  sing N N 55 
DG  "C2'" "H2''" sing N N 56 
DG  "C1'" N9     sing N N 57 
DG  "C1'" "H1'"  sing N N 58 
DG  N9    C8     sing Y N 59 
DG  N9    C4     sing Y N 60 
DG  C8    N7     doub Y N 61 
DG  C8    H8     sing N N 62 
DG  N7    C5     sing Y N 63 
DG  C5    C6     sing N N 64 
DG  C5    C4     doub Y N 65 
DG  C6    O6     doub N N 66 
DG  C6    N1     sing N N 67 
DG  N1    C2     sing N N 68 
DG  N1    H1     sing N N 69 
DG  C2    N2     sing N N 70 
DG  C2    N3     doub N N 71 
DG  N2    H21    sing N N 72 
DG  N2    H22    sing N N 73 
DG  N3    C4     sing N N 74 
HOH O     H1     sing N N 75 
HOH O     H2     sing N N 76 
# 
_ndb_struct_conf_na.entry_id   1ZF9 
_ndb_struct_conf_na.feature    'a-form double helix' 
# 
loop_
_ndb_struct_na_base_pair.model_number 
_ndb_struct_na_base_pair.i_label_asym_id 
_ndb_struct_na_base_pair.i_label_comp_id 
_ndb_struct_na_base_pair.i_label_seq_id 
_ndb_struct_na_base_pair.i_symmetry 
_ndb_struct_na_base_pair.j_label_asym_id 
_ndb_struct_na_base_pair.j_label_comp_id 
_ndb_struct_na_base_pair.j_label_seq_id 
_ndb_struct_na_base_pair.j_symmetry 
_ndb_struct_na_base_pair.shear 
_ndb_struct_na_base_pair.stretch 
_ndb_struct_na_base_pair.stagger 
_ndb_struct_na_base_pair.buckle 
_ndb_struct_na_base_pair.propeller 
_ndb_struct_na_base_pair.opening 
_ndb_struct_na_base_pair.pair_number 
_ndb_struct_na_base_pair.pair_name 
_ndb_struct_na_base_pair.i_auth_asym_id 
_ndb_struct_na_base_pair.i_auth_seq_id 
_ndb_struct_na_base_pair.i_PDB_ins_code 
_ndb_struct_na_base_pair.j_auth_asym_id 
_ndb_struct_na_base_pair.j_auth_seq_id 
_ndb_struct_na_base_pair.j_PDB_ins_code 
_ndb_struct_na_base_pair.hbond_type_28 
_ndb_struct_na_base_pair.hbond_type_12 
1 A DC 1  1_555 B DG 10 1_555 2.391  -0.263 -0.115 -10.150 5.393   -0.198 1  A_DC1:DG20_B  A 1  ? B 20 ? ?  ? 
1 A DC 2  1_555 B DG 9  1_555 0.186  -0.107 0.026  10.202  -7.850  -0.033 2  A_DC2:DG19_B  A 2  ? B 19 ? 19 1 
1 A DC 3  1_555 B DG 8  1_555 0.161  -0.083 -0.253 12.344  -15.975 -1.302 3  A_DC3:DG18_B  A 3  ? B 18 ? 19 1 
1 A DC 4  1_555 B DG 7  1_555 0.279  -0.137 -0.033 5.571   -8.609  0.431  4  A_DC4:DG17_B  A 4  ? B 17 ? 19 1 
1 A DC 5  1_555 B DG 6  1_555 0.162  -0.101 0.016  -5.169  -13.397 2.924  5  A_DC5:DG16_B  A 5  ? B 16 ? 19 1 
1 A DG 6  1_555 B DC 5  1_555 -0.217 -0.145 -0.067 -10.691 -14.624 -0.847 6  A_DG6:DC15_B  A 6  ? B 15 ? 19 1 
1 A DG 7  1_555 B DC 4  1_555 -0.074 0.014  -0.108 -17.290 -13.785 2.641  7  A_DG7:DC14_B  A 7  ? B 14 ? 19 1 
1 A DG 8  1_555 B DC 3  1_555 -0.219 -0.096 0.020  -8.363  -9.041  -0.331 8  A_DG8:DC13_B  A 8  ? B 13 ? 19 1 
1 A DG 9  1_555 B DC 2  1_555 -0.116 -0.163 0.181  -10.256 -12.677 -3.001 9  A_DG9:DC12_B  A 9  ? B 12 ? 19 1 
1 A DG 10 1_555 B DC 1  1_555 -0.061 -0.194 0.031  -6.091  -7.443  -0.044 10 A_DG10:DC11_B A 10 ? B 11 ? 19 1 
# 
loop_
_ndb_struct_na_base_pair_step.model_number 
_ndb_struct_na_base_pair_step.i_label_asym_id_1 
_ndb_struct_na_base_pair_step.i_label_comp_id_1 
_ndb_struct_na_base_pair_step.i_label_seq_id_1 
_ndb_struct_na_base_pair_step.i_symmetry_1 
_ndb_struct_na_base_pair_step.j_label_asym_id_1 
_ndb_struct_na_base_pair_step.j_label_comp_id_1 
_ndb_struct_na_base_pair_step.j_label_seq_id_1 
_ndb_struct_na_base_pair_step.j_symmetry_1 
_ndb_struct_na_base_pair_step.i_label_asym_id_2 
_ndb_struct_na_base_pair_step.i_label_comp_id_2 
_ndb_struct_na_base_pair_step.i_label_seq_id_2 
_ndb_struct_na_base_pair_step.i_symmetry_2 
_ndb_struct_na_base_pair_step.j_label_asym_id_2 
_ndb_struct_na_base_pair_step.j_label_comp_id_2 
_ndb_struct_na_base_pair_step.j_label_seq_id_2 
_ndb_struct_na_base_pair_step.j_symmetry_2 
_ndb_struct_na_base_pair_step.shift 
_ndb_struct_na_base_pair_step.slide 
_ndb_struct_na_base_pair_step.rise 
_ndb_struct_na_base_pair_step.tilt 
_ndb_struct_na_base_pair_step.roll 
_ndb_struct_na_base_pair_step.twist 
_ndb_struct_na_base_pair_step.x_displacement 
_ndb_struct_na_base_pair_step.y_displacement 
_ndb_struct_na_base_pair_step.helical_rise 
_ndb_struct_na_base_pair_step.inclination 
_ndb_struct_na_base_pair_step.tip 
_ndb_struct_na_base_pair_step.helical_twist 
_ndb_struct_na_base_pair_step.step_number 
_ndb_struct_na_base_pair_step.step_name 
_ndb_struct_na_base_pair_step.i_auth_asym_id_1 
_ndb_struct_na_base_pair_step.i_auth_seq_id_1 
_ndb_struct_na_base_pair_step.i_PDB_ins_code_1 
_ndb_struct_na_base_pair_step.j_auth_asym_id_1 
_ndb_struct_na_base_pair_step.j_auth_seq_id_1 
_ndb_struct_na_base_pair_step.j_PDB_ins_code_1 
_ndb_struct_na_base_pair_step.i_auth_asym_id_2 
_ndb_struct_na_base_pair_step.i_auth_seq_id_2 
_ndb_struct_na_base_pair_step.i_PDB_ins_code_2 
_ndb_struct_na_base_pair_step.j_auth_asym_id_2 
_ndb_struct_na_base_pair_step.j_auth_seq_id_2 
_ndb_struct_na_base_pair_step.j_PDB_ins_code_2 
1 A DC 1 1_555 B DG 10 1_555 A DC 2  1_555 B DG 9 1_555 -0.139 -1.683 2.808 -1.734 8.725  20.028 -6.993 -0.142 1.918 23.638 4.698  
21.896 1 AA_DC1DC2:DG19DG20_BB  A 1 ? B 20 ? A 2  ? B 19 ? 
1 A DC 2 1_555 B DG 9  1_555 A DC 3  1_555 B DG 8 1_555 0.249  -2.242 3.193 2.478  6.041  30.099 -5.303 -0.027 2.714 11.464 -4.703 
30.783 2 AA_DC2DC3:DG18DG19_BB  A 2 ? B 19 ? A 3  ? B 18 ? 
1 A DC 3 1_555 B DG 8  1_555 A DC 4  1_555 B DG 7 1_555 -0.361 -2.194 3.487 -4.914 6.533  27.352 -5.942 -0.388 2.915 13.439 10.108 
28.525 3 AA_DC3DC4:DG17DG18_BB  A 3 ? B 18 ? A 4  ? B 17 ? 
1 A DC 4 1_555 B DG 7  1_555 A DC 5  1_555 B DG 6 1_555 -1.346 -1.729 3.462 -2.880 4.317  31.536 -3.956 1.902  3.309 7.876  5.253  
31.950 4 AA_DC4DC5:DG16DG17_BB  A 4 ? B 17 ? A 5  ? B 16 ? 
1 A DC 5 1_555 B DG 6  1_555 A DG 6  1_555 B DC 5 1_555 0.837  -1.569 3.170 3.724  17.679 25.334 -5.804 -0.960 1.818 35.171 -7.408 
31.031 5 AA_DC5DG6:DC15DG16_BB  A 5 ? B 16 ? A 6  ? B 15 ? 
1 A DG 6 1_555 B DC 5  1_555 A DG 7  1_555 B DC 4 1_555 0.728  -1.851 3.459 4.616  2.822  34.259 -3.561 -0.479 3.367 4.753  -7.775 
34.671 6 AA_DG6DG7:DC14DC15_BB  A 6 ? B 15 ? A 7  ? B 14 ? 
1 A DG 7 1_555 B DC 4  1_555 A DG 8  1_555 B DC 3 1_555 0.161  -1.773 3.038 2.564  3.017  28.413 -4.193 0.197  2.842 6.109  -5.192 
28.682 7 AA_DG7DG8:DC13DC14_BB  A 7 ? B 14 ? A 8  ? B 13 ? 
1 A DG 8 1_555 B DC 3  1_555 A DG 9  1_555 B DC 2 1_555 0.502  -1.982 3.291 2.740  3.560  26.392 -5.181 -0.392 3.038 7.725  -5.947 
26.765 8 AA_DG8DG9:DC12DC13_BB  A 8 ? B 13 ? A 9  ? B 12 ? 
1 A DG 9 1_555 B DC 2  1_555 A DG 10 1_555 B DC 1 1_555 0.299  -1.877 3.134 5.737  5.196  36.103 -3.617 0.247  2.858 8.268  -9.128 
36.896 9 AA_DG9DG10:DC11DC12_BB A 9 ? B 12 ? A 10 ? B 11 ? 
# 
_pdbx_initial_refinement_model.accession_code   160D 
_pdbx_initial_refinement_model.id               1 
_pdbx_initial_refinement_model.entity_id_list   ? 
_pdbx_initial_refinement_model.type             'experimental model' 
_pdbx_initial_refinement_model.source_name      PDB 
_pdbx_initial_refinement_model.details          'ndb entry ADJ049' 
# 
_atom_sites.entry_id                    1ZF9 
_atom_sites.fract_transf_matrix[1][1]   -0.01014674 
_atom_sites.fract_transf_matrix[1][2]   -0.00362211 
_atom_sites.fract_transf_matrix[1][3]   0.04158192 
_atom_sites.fract_transf_matrix[2][1]   0.02111224 
_atom_sites.fract_transf_matrix[2][2]   0.00341522 
_atom_sites.fract_transf_matrix[2][3]   0.00544926 
_atom_sites.fract_transf_matrix[3][1]   -0.00358810 
_atom_sites.fract_transf_matrix[3][2]   0.02070087 
_atom_sites.fract_transf_matrix[3][3]   0.00092764 
_atom_sites.fract_transf_vector[1]      0.115280 
_atom_sites.fract_transf_vector[2]      0.020084 
_atom_sites.fract_transf_vector[3]      0.799585 
# 
loop_
_atom_type.symbol 
C  
N  
NA 
O  
P  
# 
loop_
_atom_site.group_PDB 
_atom_site.id 
_atom_site.type_symbol 
_atom_site.label_atom_id 
_atom_site.label_alt_id 
_atom_site.label_comp_id 
_atom_site.label_asym_id 
_atom_site.label_entity_id 
_atom_site.label_seq_id 
_atom_site.pdbx_PDB_ins_code 
_atom_site.Cartn_x 
_atom_site.Cartn_y 
_atom_site.Cartn_z 
_atom_site.occupancy 
_atom_site.B_iso_or_equiv 
_atom_site.pdbx_formal_charge 
_atom_site.auth_seq_id 
_atom_site.auth_comp_id 
_atom_site.auth_asym_id 
_atom_site.auth_atom_id 
_atom_site.pdbx_PDB_model_num 
ATOM   1   O  "O5'" . DC  A 1 1  ? -8.754  5.872   5.543   1.00 13.55 ? 1   DC  A "O5'" 1 
ATOM   2   C  "C5'" . DC  A 1 1  ? -9.811  6.895   5.335   1.00 12.99 ? 1   DC  A "C5'" 1 
ATOM   3   C  "C4'" . DC  A 1 1  ? -9.665  8.416   5.405   1.00 12.27 ? 1   DC  A "C4'" 1 
ATOM   4   O  "O4'" . DC  A 1 1  ? -8.956  8.768   6.646   1.00 11.84 ? 1   DC  A "O4'" 1 
ATOM   5   C  "C3'" . DC  A 1 1  ? -8.984  9.213   4.269   1.00 11.75 ? 1   DC  A "C3'" 1 
ATOM   6   O  "O3'" . DC  A 1 1  ? -9.791  10.148  3.405   1.00 11.16 ? 1   DC  A "O3'" 1 
ATOM   7   C  "C2'" . DC  A 1 1  ? -7.659  9.641   4.893   1.00 11.44 ? 1   DC  A "C2'" 1 
ATOM   8   C  "C1'" . DC  A 1 1  ? -7.791  9.552   6.455   1.00 10.53 ? 1   DC  A "C1'" 1 
ATOM   9   N  N1    . DC  A 1 1  ? -6.768  8.774   7.161   1.00 9.97  ? 1   DC  A N1    1 
ATOM   10  C  C2    . DC  A 1 1  ? -5.401  9.152   7.224   1.00 9.60  ? 1   DC  A C2    1 
ATOM   11  O  O2    . DC  A 1 1  ? -5.002  10.246  6.709   1.00 8.40  ? 1   DC  A O2    1 
ATOM   12  N  N3    . DC  A 1 1  ? -4.543  8.327   7.826   1.00 9.45  ? 1   DC  A N3    1 
ATOM   13  C  C4    . DC  A 1 1  ? -4.965  7.208   8.385   1.00 10.55 ? 1   DC  A C4    1 
ATOM   14  N  N4    . DC  A 1 1  ? -4.062  6.485   9.068   1.00 10.70 ? 1   DC  A N4    1 
ATOM   15  C  C5    . DC  A 1 1  ? -6.326  6.788   8.303   1.00 10.34 ? 1   DC  A C5    1 
ATOM   16  C  C6    . DC  A 1 1  ? -7.177  7.608   7.718   1.00 10.45 ? 1   DC  A C6    1 
ATOM   17  P  P     . DC  A 1 2  ? -9.876  9.763   1.793   1.00 9.18  ? 2   DC  A P     1 
ATOM   18  O  OP1   . DC  A 1 2  ? -11.030 10.094  0.812   1.00 10.11 ? 2   DC  A OP1   1 
ATOM   19  O  OP2   . DC  A 1 2  ? -9.697  8.359   2.218   1.00 9.23  ? 2   DC  A OP2   1 
ATOM   20  O  "O5'" . DC  A 1 2  ? -8.484  10.369  1.282   1.00 9.31  ? 2   DC  A "O5'" 1 
ATOM   21  C  "C5'" . DC  A 1 2  ? -7.369  9.502   1.135   1.00 8.15  ? 2   DC  A "C5'" 1 
ATOM   22  C  "C4'" . DC  A 1 2  ? -6.132  10.327  0.921   1.00 7.61  ? 2   DC  A "C4'" 1 
ATOM   23  O  "O4'" . DC  A 1 2  ? -5.702  10.591  2.287   1.00 7.30  ? 2   DC  A "O4'" 1 
ATOM   24  C  "C3'" . DC  A 1 2  ? -4.977  9.544   0.357   1.00 7.73  ? 2   DC  A "C3'" 1 
ATOM   25  O  "O3'" . DC  A 1 2  ? -4.931  9.672   -1.061  1.00 7.73  ? 2   DC  A "O3'" 1 
ATOM   26  C  "C2'" . DC  A 1 2  ? -3.790  10.235  1.000   1.00 6.90  ? 2   DC  A "C2'" 1 
ATOM   27  C  "C1'" . DC  A 1 2  ? -4.296  10.635  2.369   1.00 7.21  ? 2   DC  A "C1'" 1 
ATOM   28  N  N1    . DC  A 1 2  ? -3.884  9.559   3.339   1.00 6.46  ? 2   DC  A N1    1 
ATOM   29  C  C2    . DC  A 1 2  ? -2.601  9.620   3.835   1.00 6.39  ? 2   DC  A C2    1 
ATOM   30  O  O2    . DC  A 1 2  ? -1.913  10.568  3.528   1.00 6.01  ? 2   DC  A O2    1 
ATOM   31  N  N3    . DC  A 1 2  ? -2.133  8.613   4.616   1.00 6.20  ? 2   DC  A N3    1 
ATOM   32  C  C4    . DC  A 1 2  ? -2.943  7.584   4.908   1.00 6.49  ? 2   DC  A C4    1 
ATOM   33  N  N4    . DC  A 1 2  ? -2.444  6.557   5.581   1.00 5.95  ? 2   DC  A N4    1 
ATOM   34  C  C5    . DC  A 1 2  ? -4.278  7.539   4.483   1.00 6.48  ? 2   DC  A C5    1 
ATOM   35  C  C6    . DC  A 1 2  ? -4.702  8.530   3.677   1.00 6.34  ? 2   DC  A C6    1 
ATOM   36  P  P     . DC  A 1 3  ? -4.274  8.488   -1.958  1.00 7.48  ? 3   DC  A P     1 
ATOM   37  O  OP1   . DC  A 1 3  ? -4.491  8.881   -3.370  1.00 8.31  ? 3   DC  A OP1   1 
ATOM   38  O  OP2   . DC  A 1 3  ? -4.625  7.200   -1.477  1.00 7.47  ? 3   DC  A OP2   1 
ATOM   39  O  "O5'" . DC  A 1 3  ? -2.726  8.623   -1.724  1.00 5.76  ? 3   DC  A "O5'" 1 
ATOM   40  C  "C5'" . DC  A 1 3  ? -2.089  9.854   -2.088  1.00 3.56  ? 3   DC  A "C5'" 1 
ATOM   41  C  "C4'" . DC  A 1 3  ? -0.708  9.927   -1.540  1.00 3.61  ? 3   DC  A "C4'" 1 
ATOM   42  O  "O4'" . DC  A 1 3  ? -0.741  9.838   -0.125  1.00 3.21  ? 3   DC  A "O4'" 1 
ATOM   43  C  "C3'" . DC  A 1 3  ? 0.136   8.711   -1.905  1.00 3.01  ? 3   DC  A "C3'" 1 
ATOM   44  O  "O3'" . DC  A 1 3  ? 0.678   8.880   -3.207  1.00 3.47  ? 3   DC  A "O3'" 1 
ATOM   45  C  "C2'" . DC  A 1 3  ? 1.250   8.824   -0.887  1.00 3.00  ? 3   DC  A "C2'" 1 
ATOM   46  C  "C1'" . DC  A 1 3  ? 0.476   9.255   0.320   1.00 2.27  ? 3   DC  A "C1'" 1 
ATOM   47  N  N1    . DC  A 1 3  ? 0.192   8.110   1.202   1.00 1.39  ? 3   DC  A N1    1 
ATOM   48  C  C2    . DC  A 1 3  ? 1.203   7.670   2.031   1.00 1.05  ? 3   DC  A C2    1 
ATOM   49  O  O2    . DC  A 1 3  ? 2.247   8.208   1.969   1.00 1.50  ? 3   DC  A O2    1 
ATOM   50  N  N3    . DC  A 1 3  ? 0.943   6.594   2.828   1.00 1.00  ? 3   DC  A N3    1 
ATOM   51  C  C4    . DC  A 1 3  ? -0.219  5.999   2.767   1.00 1.38  ? 3   DC  A C4    1 
ATOM   52  N  N4    . DC  A 1 3  ? -0.464  5.030   3.675   1.00 2.07  ? 3   DC  A N4    1 
ATOM   53  C  C5    . DC  A 1 3  ? -1.233  6.396   1.876   1.00 1.00  ? 3   DC  A C5    1 
ATOM   54  C  C6    . DC  A 1 3  ? -1.006  7.458   1.145   1.00 1.00  ? 3   DC  A C6    1 
ATOM   55  P  P     . DC  A 1 4  ? 1.183   7.634   -4.068  1.00 4.13  ? 4   DC  A P     1 
ATOM   56  O  OP1   . DC  A 1 4  ? 1.277   8.404   -5.412  1.00 5.15  ? 4   DC  A OP1   1 
ATOM   57  O  OP2   . DC  A 1 4  ? 0.340   6.474   -3.948  1.00 4.85  ? 4   DC  A OP2   1 
ATOM   58  O  "O5'" . DC  A 1 4  ? 2.569   7.252   -3.424  1.00 3.15  ? 4   DC  A "O5'" 1 
ATOM   59  C  "C5'" . DC  A 1 4  ? 3.707   8.103   -3.490  1.00 3.02  ? 4   DC  A "C5'" 1 
ATOM   60  C  "C4'" . DC  A 1 4  ? 4.767   7.603   -2.551  1.00 3.85  ? 4   DC  A "C4'" 1 
ATOM   61  O  "O4'" . DC  A 1 4  ? 4.276   7.421   -1.223  1.00 3.18  ? 4   DC  A "O4'" 1 
ATOM   62  C  "C3'" . DC  A 1 4  ? 5.398   6.279   -2.913  1.00 3.15  ? 4   DC  A "C3'" 1 
ATOM   63  O  "O3'" . DC  A 1 4  ? 6.404   6.429   -3.946  1.00 4.06  ? 4   DC  A "O3'" 1 
ATOM   64  C  "C2'" . DC  A 1 4  ? 5.973   5.820   -1.588  1.00 3.58  ? 4   DC  A "C2'" 1 
ATOM   65  C  "C1'" . DC  A 1 4  ? 5.003   6.377   -0.602  1.00 3.01  ? 4   DC  A "C1'" 1 
ATOM   66  N  N1    . DC  A 1 4  ? 4.029   5.411   -0.086  1.00 2.41  ? 4   DC  A N1    1 
ATOM   67  C  C2    . DC  A 1 4  ? 4.533   4.457   0.807   1.00 1.82  ? 4   DC  A C2    1 
ATOM   68  O  O2    . DC  A 1 4  ? 5.698   4.460   1.040   1.00 1.00  ? 4   DC  A O2    1 
ATOM   69  N  N3    . DC  A 1 4  ? 3.655   3.543   1.426   1.00 1.95  ? 4   DC  A N3    1 
ATOM   70  C  C4    . DC  A 1 4  ? 2.355   3.606   1.186   1.00 2.48  ? 4   DC  A C4    1 
ATOM   71  N  N4    . DC  A 1 4  ? 1.541   2.751   1.880   1.00 2.73  ? 4   DC  A N4    1 
ATOM   72  C  C5    . DC  A 1 4  ? 1.803   4.563   0.230   1.00 2.37  ? 4   DC  A C5    1 
ATOM   73  C  C6    . DC  A 1 4  ? 2.668   5.416   -0.370  1.00 2.23  ? 4   DC  A C6    1 
ATOM   74  P  P     . DC  A 1 5  ? 6.950   5.129   -4.707  1.00 3.16  ? 5   DC  A P     1 
ATOM   75  O  OP1   . DC  A 1 5  ? 7.839   5.726   -5.855  1.00 4.45  ? 5   DC  A OP1   1 
ATOM   76  O  OP2   . DC  A 1 5  ? 5.887   4.246   -5.071  1.00 3.97  ? 5   DC  A OP2   1 
ATOM   77  O  "O5'" . DC  A 1 5  ? 7.885   4.367   -3.663  1.00 2.21  ? 5   DC  A "O5'" 1 
ATOM   78  C  "C5'" . DC  A 1 5  ? 9.102   4.912   -3.164  1.00 2.12  ? 5   DC  A "C5'" 1 
ATOM   79  C  "C4'" . DC  A 1 5  ? 9.851   3.788   -2.478  1.00 2.22  ? 5   DC  A "C4'" 1 
ATOM   80  O  "O4'" . DC  A 1 5  ? 9.264   3.527   -1.191  1.00 2.26  ? 5   DC  A "O4'" 1 
ATOM   81  C  "C3'" . DC  A 1 5  ? 9.841   2.453   -3.175  1.00 1.70  ? 5   DC  A "C3'" 1 
ATOM   82  O  "O3'" . DC  A 1 5  ? 10.887  2.434   -4.147  1.00 2.93  ? 5   DC  A "O3'" 1 
ATOM   83  C  "C2'" . DC  A 1 5  ? 10.016  1.476   -2.011  1.00 1.81  ? 5   DC  A "C2'" 1 
ATOM   84  C  "C1'" . DC  A 1 5  ? 9.280   2.137   -0.830  1.00 1.38  ? 5   DC  A "C1'" 1 
ATOM   85  N  N1    . DC  A 1 5  ? 7.892   1.646   -0.748  1.00 1.49  ? 5   DC  A N1    1 
ATOM   86  C  C2    . DC  A 1 5  ? 7.665   0.541   -0.061  1.00 1.21  ? 5   DC  A C2    1 
ATOM   87  O  O2    . DC  A 1 5  ? 8.701   -0.145  0.331   1.00 1.63  ? 5   DC  A O2    1 
ATOM   88  N  N3    . DC  A 1 5  ? 6.324   0.146   0.157   1.00 1.00  ? 5   DC  A N3    1 
ATOM   89  C  C4    . DC  A 1 5  ? 5.311   0.781   -0.443  1.00 1.09  ? 5   DC  A C4    1 
ATOM   90  N  N4    . DC  A 1 5  ? 4.051   0.392   -0.200  1.00 2.00  ? 5   DC  A N4    1 
ATOM   91  C  C5    . DC  A 1 5  ? 5.566   1.898   -1.293  1.00 1.22  ? 5   DC  A C5    1 
ATOM   92  C  C6    . DC  A 1 5  ? 6.865   2.312   -1.341  1.00 1.44  ? 5   DC  A C6    1 
ATOM   93  P  P     . DG  A 1 6  ? 10.684  1.570   -5.501  1.00 4.54  ? 6   DG  A P     1 
ATOM   94  O  OP1   . DG  A 1 6  ? 11.884  1.862   -6.301  1.00 4.92  ? 6   DG  A OP1   1 
ATOM   95  O  OP2   . DG  A 1 6  ? 9.364   1.815   -6.028  1.00 4.24  ? 6   DG  A OP2   1 
ATOM   96  O  "O5'" . DG  A 1 6  ? 10.708  0.051   -5.005  1.00 3.59  ? 6   DG  A "O5'" 1 
ATOM   97  C  "C5'" . DG  A 1 6  ? 9.619   -0.864  -5.301  1.00 3.52  ? 6   DG  A "C5'" 1 
ATOM   98  C  "C4'" . DG  A 1 6  ? 9.847   -2.104  -4.493  1.00 3.11  ? 6   DG  A "C4'" 1 
ATOM   99  O  "O4'" . DG  A 1 6  ? 9.407   -1.724  -3.133  1.00 2.29  ? 6   DG  A "O4'" 1 
ATOM   100 C  "C3'" . DG  A 1 6  ? 8.976   -3.299  -4.820  1.00 3.00  ? 6   DG  A "C3'" 1 
ATOM   101 O  "O3'" . DG  A 1 6  ? 9.553   -4.202  -5.774  1.00 4.05  ? 6   DG  A "O3'" 1 
ATOM   102 C  "C2'" . DG  A 1 6  ? 8.815   -3.969  -3.461  1.00 2.21  ? 6   DG  A "C2'" 1 
ATOM   103 C  "C1'" . DG  A 1 6  ? 8.713   -2.733  -2.486  1.00 2.42  ? 6   DG  A "C1'" 1 
ATOM   104 N  N9    . DG  A 1 6  ? 7.312   -2.321  -2.380  1.00 1.36  ? 6   DG  A N9    1 
ATOM   105 C  C8    . DG  A 1 6  ? 6.623   -1.262  -2.927  1.00 1.56  ? 6   DG  A C8    1 
ATOM   106 N  N7    . DG  A 1 6  ? 5.331   -1.273  -2.675  1.00 1.00  ? 6   DG  A N7    1 
ATOM   107 C  C5    . DG  A 1 6  ? 5.163   -2.421  -1.867  1.00 1.00  ? 6   DG  A C5    1 
ATOM   108 C  C6    . DG  A 1 6  ? 3.981   -2.998  -1.333  1.00 1.00  ? 6   DG  A C6    1 
ATOM   109 O  O6    . DG  A 1 6  ? 2.817   -2.575  -1.434  1.00 1.00  ? 6   DG  A O6    1 
ATOM   110 N  N1    . DG  A 1 6  ? 4.249   -4.177  -0.626  1.00 1.00  ? 6   DG  A N1    1 
ATOM   111 C  C2    . DG  A 1 6  ? 5.479   -4.784  -0.511  1.00 1.40  ? 6   DG  A C2    1 
ATOM   112 N  N2    . DG  A 1 6  ? 5.569   -5.858  0.210   1.00 1.00  ? 6   DG  A N2    1 
ATOM   113 N  N3    . DG  A 1 6  ? 6.591   -4.318  -1.068  1.00 1.42  ? 6   DG  A N3    1 
ATOM   114 C  C4    . DG  A 1 6  ? 6.358   -3.095  -1.692  1.00 1.41  ? 6   DG  A C4    1 
ATOM   115 P  P     . DG  A 1 7  ? 8.614   -4.897  -6.865  1.00 4.67  ? 7   DG  A P     1 
ATOM   116 O  OP1   . DG  A 1 7  ? 9.511   -5.647  -7.789  1.00 5.81  ? 7   DG  A OP1   1 
ATOM   117 O  OP2   . DG  A 1 7  ? 7.660   -4.059  -7.443  1.00 4.65  ? 7   DG  A OP2   1 
ATOM   118 O  "O5'" . DG  A 1 7  ? 7.838   -5.961  -5.973  1.00 3.60  ? 7   DG  A "O5'" 1 
ATOM   119 C  "C5'" . DG  A 1 7  ? 8.566   -7.003  -5.271  1.00 2.82  ? 7   DG  A "C5'" 1 
ATOM   120 C  "C4'" . DG  A 1 7  ? 7.642   -7.838  -4.409  1.00 2.72  ? 7   DG  A "C4'" 1 
ATOM   121 O  "O4'" . DG  A 1 7  ? 7.093   -6.989  -3.382  1.00 2.08  ? 7   DG  A "O4'" 1 
ATOM   122 C  "C3'" . DG  A 1 7  ? 6.395   -8.426  -5.054  1.00 3.67  ? 7   DG  A "C3'" 1 
ATOM   123 O  "O3'" . DG  A 1 7  ? 6.685   -9.578  -5.818  1.00 6.83  ? 7   DG  A "O3'" 1 
ATOM   124 C  "C2'" . DG  A 1 7  ? 5.496   -8.697  -3.865  1.00 3.06  ? 7   DG  A "C2'" 1 
ATOM   125 C  "C1'" . DG  A 1 7  ? 5.778   -7.456  -3.025  1.00 2.17  ? 7   DG  A "C1'" 1 
ATOM   126 N  N9    . DG  A 1 7  ? 4.806   -6.405  -3.342  1.00 1.88  ? 7   DG  A N9    1 
ATOM   127 C  C8    . DG  A 1 7  ? 4.932   -5.274  -4.139  1.00 1.22  ? 7   DG  A C8    1 
ATOM   128 N  N7    . DG  A 1 7  ? 3.791   -4.656  -4.284  1.00 1.00  ? 7   DG  A N7    1 
ATOM   129 C  C5    . DG  A 1 7  ? 2.899   -5.333  -3.487  1.00 1.00  ? 7   DG  A C5    1 
ATOM   130 C  C6    . DG  A 1 7  ? 1.486   -5.105  -3.215  1.00 1.00  ? 7   DG  A C6    1 
ATOM   131 O  O6    . DG  A 1 7  ? 0.771   -4.214  -3.568  1.00 1.15  ? 7   DG  A O6    1 
ATOM   132 N  N1    . DG  A 1 7  ? 0.973   -6.086  -2.388  1.00 1.00  ? 7   DG  A N1    1 
ATOM   133 C  C2    . DG  A 1 7  ? 1.645   -7.079  -1.876  1.00 1.19  ? 7   DG  A C2    1 
ATOM   134 N  N2    . DG  A 1 7  ? 0.981   -7.932  -1.066  1.00 1.41  ? 7   DG  A N2    1 
ATOM   135 N  N3    . DG  A 1 7  ? 2.946   -7.303  -2.112  1.00 1.00  ? 7   DG  A N3    1 
ATOM   136 C  C4    . DG  A 1 7  ? 3.486   -6.409  -2.928  1.00 1.26  ? 7   DG  A C4    1 
ATOM   137 P  P     . DG  A 1 8  ? 5.721   -9.988  -7.022  1.00 7.10  ? 8   DG  A P     1 
ATOM   138 O  OP1   . DG  A 1 8  ? 6.428   -11.128 -7.733  1.00 9.15  ? 8   DG  A OP1   1 
ATOM   139 O  OP2   . DG  A 1 8  ? 5.325   -8.813  -7.732  1.00 8.95  ? 8   DG  A OP2   1 
ATOM   140 O  "O5'" . DG  A 1 8  ? 4.379   -10.550 -6.314  1.00 7.32  ? 8   DG  A "O5'" 1 
ATOM   141 C  "C5'" . DG  A 1 8  ? 4.443   -11.635 -5.415  1.00 5.74  ? 8   DG  A "C5'" 1 
ATOM   142 C  "C4'" . DG  A 1 8  ? 3.113   -11.901 -4.734  1.00 5.28  ? 8   DG  A "C4'" 1 
ATOM   143 O  "O4'" . DG  A 1 8  ? 2.775   -10.702 -3.987  1.00 4.62  ? 8   DG  A "O4'" 1 
ATOM   144 C  "C3'" . DG  A 1 8  ? 1.925   -12.072 -5.670  1.00 5.63  ? 8   DG  A "C3'" 1 
ATOM   145 O  "O3'" . DG  A 1 8  ? 1.790   -13.470 -5.961  1.00 6.26  ? 8   DG  A "O3'" 1 
ATOM   146 C  "C2'" . DG  A 1 8  ? 0.751   -11.588 -4.822  1.00 4.90  ? 8   DG  A "C2'" 1 
ATOM   147 C  "C1'" . DG  A 1 8  ? 1.344   -10.537 -3.934  1.00 4.07  ? 8   DG  A "C1'" 1 
ATOM   148 N  N9    . DG  A 1 8  ? 0.960   -9.234  -4.484  1.00 2.76  ? 8   DG  A N9    1 
ATOM   149 C  C8    . DG  A 1 8  ? 1.612   -8.407  -5.375  1.00 2.03  ? 8   DG  A C8    1 
ATOM   150 N  N7    . DG  A 1 8  ? 0.925   -7.366  -5.689  1.00 1.88  ? 8   DG  A N7    1 
ATOM   151 C  C5    . DG  A 1 8  ? -0.253  -7.477  -4.969  1.00 1.70  ? 8   DG  A C5    1 
ATOM   152 C  C6    . DG  A 1 8  ? -1.418  -6.577  -4.936  1.00 1.63  ? 8   DG  A C6    1 
ATOM   153 O  O6    . DG  A 1 8  ? -1.581  -5.442  -5.527  1.00 2.40  ? 8   DG  A O6    1 
ATOM   154 N  N1    . DG  A 1 8  ? -2.417  -7.089  -4.116  1.00 1.75  ? 8   DG  A N1    1 
ATOM   155 C  C2    . DG  A 1 8  ? -2.315  -8.268  -3.415  1.00 1.23  ? 8   DG  A C2    1 
ATOM   156 N  N2    . DG  A 1 8  ? -3.354  -8.534  -2.656  1.00 1.58  ? 8   DG  A N2    1 
ATOM   157 N  N3    . DG  A 1 8  ? -1.241  -9.068  -3.435  1.00 1.73  ? 8   DG  A N3    1 
ATOM   158 C  C4    . DG  A 1 8  ? -0.253  -8.599  -4.215  1.00 1.86  ? 8   DG  A C4    1 
ATOM   159 P  P     . DG  A 1 9  ? 1.032   -13.988 -7.247  1.00 6.82  ? 9   DG  A P     1 
ATOM   160 O  OP1   . DG  A 1 9  ? 1.387   -15.423 -7.464  1.00 6.40  ? 9   DG  A OP1   1 
ATOM   161 O  OP2   . DG  A 1 9  ? 0.953   -13.076 -8.386  1.00 5.39  ? 9   DG  A OP2   1 
ATOM   162 O  "O5'" . DG  A 1 9  ? -0.455  -13.943 -6.638  1.00 5.18  ? 9   DG  A "O5'" 1 
ATOM   163 C  "C5'" . DG  A 1 9  ? -1.510  -13.272 -7.322  1.00 3.25  ? 9   DG  A "C5'" 1 
ATOM   164 C  "C4'" . DG  A 1 9  ? -2.717  -13.110 -6.412  1.00 1.82  ? 9   DG  A "C4'" 1 
ATOM   165 O  "O4'" . DG  A 1 9  ? -2.368  -11.891 -5.718  1.00 1.42  ? 9   DG  A "O4'" 1 
ATOM   166 C  "C3'" . DG  A 1 9  ? -3.954  -12.718 -7.209  1.00 1.76  ? 9   DG  A "C3'" 1 
ATOM   167 O  "O3'" . DG  A 1 9  ? -4.691  -13.871 -7.573  1.00 1.53  ? 9   DG  A "O3'" 1 
ATOM   168 C  "C2'" . DG  A 1 9  ? -4.713  -11.858 -6.210  1.00 1.15  ? 9   DG  A "C2'" 1 
ATOM   169 C  "C1'" . DG  A 1 9  ? -3.532  -11.094 -5.546  1.00 1.00  ? 9   DG  A "C1'" 1 
ATOM   170 N  N9    . DG  A 1 9  ? -3.302  -9.843  -6.253  1.00 1.00  ? 9   DG  A N9    1 
ATOM   171 C  C8    . DG  A 1 9  ? -2.236  -9.492  -7.062  1.00 1.00  ? 9   DG  A C8    1 
ATOM   172 N  N7    . DG  A 1 9  ? -2.420  -8.314  -7.653  1.00 1.78  ? 9   DG  A N7    1 
ATOM   173 C  C5    . DG  A 1 9  ? -3.650  -7.901  -7.205  1.00 1.50  ? 9   DG  A C5    1 
ATOM   174 C  C6    . DG  A 1 9  ? -4.374  -6.679  -7.457  1.00 1.29  ? 9   DG  A C6    1 
ATOM   175 O  O6    . DG  A 1 9  ? -4.027  -5.719  -8.164  1.00 2.86  ? 9   DG  A O6    1 
ATOM   176 N  N1    . DG  A 1 9  ? -5.541  -6.636  -6.779  1.00 1.00  ? 9   DG  A N1    1 
ATOM   177 C  C2    . DG  A 1 9  ? -5.987  -7.631  -5.905  1.00 1.00  ? 9   DG  A C2    1 
ATOM   178 N  N2    . DG  A 1 9  ? -7.169  -7.447  -5.344  1.00 1.00  ? 9   DG  A N2    1 
ATOM   179 N  N3    . DG  A 1 9  ? -5.308  -8.751  -5.621  1.00 1.00  ? 9   DG  A N3    1 
ATOM   180 C  C4    . DG  A 1 9  ? -4.176  -8.810  -6.302  1.00 1.00  ? 9   DG  A C4    1 
ATOM   181 P  P     . DG  A 1 10 ? -5.591  -13.824 -8.845  1.00 1.53  ? 10  DG  A P     1 
ATOM   182 O  OP1   . DG  A 1 10 ? -6.251  -15.088 -9.087  1.00 2.23  ? 10  DG  A OP1   1 
ATOM   183 O  OP2   . DG  A 1 10 ? -4.904  -13.224 -9.996  1.00 1.72  ? 10  DG  A OP2   1 
ATOM   184 O  "O5'" . DG  A 1 10 ? -6.706  -12.811 -8.440  1.00 1.00  ? 10  DG  A "O5'" 1 
ATOM   185 C  "C5'" . DG  A 1 10 ? -7.567  -13.179 -7.408  1.00 1.00  ? 10  DG  A "C5'" 1 
ATOM   186 C  "C4'" . DG  A 1 10 ? -8.720  -12.196 -7.304  1.00 1.00  ? 10  DG  A "C4'" 1 
ATOM   187 O  "O4'" . DG  A 1 10 ? -8.246  -10.867 -6.997  1.00 1.00  ? 10  DG  A "O4'" 1 
ATOM   188 C  "C3'" . DG  A 1 10 ? -9.570  -12.017 -8.555  1.00 1.10  ? 10  DG  A "C3'" 1 
ATOM   189 O  "O3'" . DG  A 1 10 ? -10.446 -13.009 -8.781  1.00 1.00  ? 10  DG  A "O3'" 1 
ATOM   190 C  "C2'" . DG  A 1 10 ? -10.005 -10.565 -8.620  1.00 1.53  ? 10  DG  A "C2'" 1 
ATOM   191 C  "C1'" . DG  A 1 10 ? -8.994  -9.864  -7.688  1.00 1.25  ? 10  DG  A "C1'" 1 
ATOM   192 N  N9    . DG  A 1 10 ? -8.023  -9.135  -8.488  1.00 1.00  ? 10  DG  A N9    1 
ATOM   193 C  C8    . DG  A 1 10 ? -6.843  -9.594  -9.038  1.00 1.45  ? 10  DG  A C8    1 
ATOM   194 N  N7    . DG  A 1 10 ? -6.162  -8.637  -9.663  1.00 1.33  ? 10  DG  A N7    1 
ATOM   195 C  C5    . DG  A 1 10 ? -6.975  -7.508  -9.552  1.00 1.37  ? 10  DG  A C5    1 
ATOM   196 C  C6    . DG  A 1 10 ? -6.800  -6.195  -10.120 1.00 1.53  ? 10  DG  A C6    1 
ATOM   197 O  O6    . DG  A 1 10 ? -5.851  -5.768  -10.880 1.00 1.99  ? 10  DG  A O6    1 
ATOM   198 N  N1    . DG  A 1 10 ? -7.849  -5.358  -9.776  1.00 1.00  ? 10  DG  A N1    1 
ATOM   199 C  C2    . DG  A 1 10 ? -8.938  -5.730  -9.041  1.00 1.34  ? 10  DG  A C2    1 
ATOM   200 N  N2    . DG  A 1 10 ? -9.806  -4.735  -8.808  1.00 1.00  ? 10  DG  A N2    1 
ATOM   201 N  N3    . DG  A 1 10 ? -9.157  -6.943  -8.569  1.00 1.00  ? 10  DG  A N3    1 
ATOM   202 C  C4    . DG  A 1 10 ? -8.122  -7.787  -8.838  1.00 1.20  ? 10  DG  A C4    1 
ATOM   203 O  "O5'" . DC  B 1 1  ? -7.883  2.948   -11.742 1.00 10.45 ? 11  DC  B "O5'" 1 
ATOM   204 C  "C5'" . DC  B 1 1  ? -8.314  3.619   -10.528 1.00 8.77  ? 11  DC  B "C5'" 1 
ATOM   205 C  "C4'" . DC  B 1 1  ? -9.438  2.753   -9.997  1.00 7.57  ? 11  DC  B "C4'" 1 
ATOM   206 O  "O4'" . DC  B 1 1  ? -9.568  1.704   -10.957 1.00 7.79  ? 11  DC  B "O4'" 1 
ATOM   207 C  "C3'" . DC  B 1 1  ? -9.198  2.034   -8.662  1.00 6.76  ? 11  DC  B "C3'" 1 
ATOM   208 O  "O3'" . DC  B 1 1  ? -9.713  2.749   -7.562  1.00 6.82  ? 11  DC  B "O3'" 1 
ATOM   209 C  "C2'" . DC  B 1 1  ? -9.981  0.727   -8.814  1.00 6.85  ? 11  DC  B "C2'" 1 
ATOM   210 C  "C1'" . DC  B 1 1  ? -9.801  0.406   -10.278 1.00 6.75  ? 11  DC  B "C1'" 1 
ATOM   211 N  N1    . DC  B 1 1  ? -8.605  -0.466  -10.495 1.00 6.35  ? 11  DC  B N1    1 
ATOM   212 C  C2    . DC  B 1 1  ? -8.709  -1.805  -10.209 1.00 5.74  ? 11  DC  B C2    1 
ATOM   213 O  O2    . DC  B 1 1  ? -9.724  -2.203  -9.764  1.00 4.50  ? 11  DC  B O2    1 
ATOM   214 N  N3    . DC  B 1 1  ? -7.646  -2.644  -10.448 1.00 5.50  ? 11  DC  B N3    1 
ATOM   215 C  C4    . DC  B 1 1  ? -6.555  -2.169  -10.991 1.00 6.41  ? 11  DC  B C4    1 
ATOM   216 N  N4    . DC  B 1 1  ? -5.536  -3.046  -11.318 1.00 5.62  ? 11  DC  B N4    1 
ATOM   217 C  C5    . DC  B 1 1  ? -6.417  -0.771  -11.279 1.00 6.41  ? 11  DC  B C5    1 
ATOM   218 C  C6    . DC  B 1 1  ? -7.439  0.022   -11.010 1.00 6.66  ? 11  DC  B C6    1 
ATOM   219 P  P     . DC  B 1 2  ? -9.151  2.506   -6.115  1.00 7.73  ? 12  DC  B P     1 
ATOM   220 O  OP1   . DC  B 1 2  ? -9.862  3.558   -5.334  1.00 7.13  ? 12  DC  B OP1   1 
ATOM   221 O  OP2   . DC  B 1 2  ? -7.687  2.380   -6.075  1.00 6.30  ? 12  DC  B OP2   1 
ATOM   222 O  "O5'" . DC  B 1 2  ? -9.591  0.989   -5.809  1.00 6.55  ? 12  DC  B "O5'" 1 
ATOM   223 C  "C5'" . DC  B 1 2  ? -10.981 0.652   -5.742  1.00 6.64  ? 12  DC  B "C5'" 1 
ATOM   224 C  "C4'" . DC  B 1 2  ? -11.174 -0.722  -5.137  1.00 5.94  ? 12  DC  B "C4'" 1 
ATOM   225 O  "O4'" . DC  B 1 2  ? -10.839 -1.641  -6.182  1.00 5.11  ? 12  DC  B "O4'" 1 
ATOM   226 C  "C3'" . DC  B 1 2  ? -10.369 -1.163  -3.921  1.00 6.32  ? 12  DC  B "C3'" 1 
ATOM   227 O  "O3'" . DC  B 1 2  ? -11.054 -0.890  -2.692  1.00 7.62  ? 12  DC  B "O3'" 1 
ATOM   228 C  "C2'" . DC  B 1 2  ? -10.214 -2.660  -4.164  1.00 4.97  ? 12  DC  B "C2'" 1 
ATOM   229 C  "C1'" . DC  B 1 2  ? -10.162 -2.784  -5.647  1.00 4.22  ? 12  DC  B "C1'" 1 
ATOM   230 N  N1    . DC  B 1 2  ? -8.781  -2.771  -6.189  1.00 2.87  ? 12  DC  B N1    1 
ATOM   231 C  C2    . DC  B 1 2  ? -8.099  -4.013  -6.171  1.00 2.47  ? 12  DC  B C2    1 
ATOM   232 O  O2    . DC  B 1 2  ? -8.619  -4.994  -5.601  1.00 1.21  ? 12  DC  B O2    1 
ATOM   233 N  N3    . DC  B 1 2  ? -6.923  -4.124  -6.761  1.00 1.82  ? 12  DC  B N3    1 
ATOM   234 C  C4    . DC  B 1 2  ? -6.342  -3.028  -7.325  1.00 2.24  ? 12  DC  B C4    1 
ATOM   235 N  N4    . DC  B 1 2  ? -5.260  -3.151  -8.026  1.00 2.09  ? 12  DC  B N4    1 
ATOM   236 C  C5    . DC  B 1 2  ? -6.937  -1.723  -7.266  1.00 2.32  ? 12  DC  B C5    1 
ATOM   237 C  C6    . DC  B 1 2  ? -8.165  -1.643  -6.716  1.00 2.42  ? 12  DC  B C6    1 
ATOM   238 P  P     . DC  B 1 3  ? -10.198 -0.722  -1.350  1.00 10.61 ? 13  DC  B P     1 
ATOM   239 O  OP1   . DC  B 1 3  ? -11.085 -0.521  -0.221  1.00 10.07 ? 13  DC  B OP1   1 
ATOM   240 O  OP2   . DC  B 1 3  ? -9.085  0.057   -1.513  1.00 9.81  ? 13  DC  B OP2   1 
ATOM   241 O  "O5'" . DC  B 1 3  ? -9.555  -2.149  -1.105  1.00 7.82  ? 13  DC  B "O5'" 1 
ATOM   242 C  "C5'" . DC  B 1 3  ? -10.348 -3.225  -0.597  1.00 6.74  ? 13  DC  B "C5'" 1 
ATOM   243 C  "C4'" . DC  B 1 3  ? -9.537  -4.491  -0.507  1.00 5.69  ? 13  DC  B "C4'" 1 
ATOM   244 O  "O4'" . DC  B 1 3  ? -9.057  -4.796  -1.848  1.00 4.91  ? 13  DC  B "O4'" 1 
ATOM   245 C  "C3'" . DC  B 1 3  ? -8.292  -4.409  0.329   1.00 6.00  ? 13  DC  B "C3'" 1 
ATOM   246 O  "O3'" . DC  B 1 3  ? -8.529  -4.732  1.652   1.00 7.23  ? 13  DC  B "O3'" 1 
ATOM   247 C  "C2'" . DC  B 1 3  ? -7.450  -5.532  -0.249  1.00 4.96  ? 13  DC  B "C2'" 1 
ATOM   248 C  "C1'" . DC  B 1 3  ? -7.840  -5.562  -1.731  1.00 4.23  ? 13  DC  B "C1'" 1 
ATOM   249 N  N1    . DC  B 1 3  ? -6.775  -4.980  -2.570  1.00 3.53  ? 13  DC  B N1    1 
ATOM   250 C  C2    . DC  B 1 3  ? -5.671  -5.809  -2.871  1.00 3.19  ? 13  DC  B C2    1 
ATOM   251 O  O2    . DC  B 1 3  ? -5.633  -6.997  -2.398  1.00 2.60  ? 13  DC  B O2    1 
ATOM   252 N  N3    . DC  B 1 3  ? -4.657  -5.328  -3.662  1.00 2.36  ? 13  DC  B N3    1 
ATOM   253 C  C4    . DC  B 1 3  ? -4.706  -4.082  -4.121  1.00 2.48  ? 13  DC  B C4    1 
ATOM   254 N  N4    . DC  B 1 3  ? -3.709  -3.720  -4.947  1.00 1.92  ? 13  DC  B N4    1 
ATOM   255 C  C5    . DC  B 1 3  ? -5.798  -3.172  -3.784  1.00 2.42  ? 13  DC  B C5    1 
ATOM   256 C  C6    . DC  B 1 3  ? -6.804  -3.685  -3.004  1.00 3.01  ? 13  DC  B C6    1 
ATOM   257 P  P     . DC  B 1 4  ? -7.636  -4.107  2.755   1.00 9.40  ? 14  DC  B P     1 
ATOM   258 O  OP1   . DC  B 1 4  ? -8.535  -4.204  3.962   1.00 7.93  ? 14  DC  B OP1   1 
ATOM   259 O  OP2   . DC  B 1 4  ? -7.165  -2.855  2.287   1.00 8.06  ? 14  DC  B OP2   1 
ATOM   260 O  "O5'" . DC  B 1 4  ? -6.369  -5.043  2.871   1.00 7.05  ? 14  DC  B "O5'" 1 
ATOM   261 C  "C5'" . DC  B 1 4  ? -6.652  -6.334  3.129   1.00 6.42  ? 14  DC  B "C5'" 1 
ATOM   262 C  "C4'" . DC  B 1 4  ? -5.496  -7.221  2.836   1.00 5.97  ? 14  DC  B "C4'" 1 
ATOM   263 O  "O4'" . DC  B 1 4  ? -5.309  -7.225  1.398   1.00 6.16  ? 14  DC  B "O4'" 1 
ATOM   264 C  "C3'" . DC  B 1 4  ? -4.194  -6.772  3.462   1.00 6.09  ? 14  DC  B "C3'" 1 
ATOM   265 O  "O3'" . DC  B 1 4  ? -4.041  -7.351  4.763   1.00 6.15  ? 14  DC  B "O3'" 1 
ATOM   266 C  "C2'" . DC  B 1 4  ? -3.219  -7.445  2.518   1.00 5.80  ? 14  DC  B "C2'" 1 
ATOM   267 C  "C1'" . DC  B 1 4  ? -3.947  -7.525  1.154   1.00 5.19  ? 14  DC  B "C1'" 1 
ATOM   268 N  N1    . DC  B 1 4  ? -3.392  -6.436  0.343   1.00 4.69  ? 14  DC  B N1    1 
ATOM   269 C  C2    . DC  B 1 4  ? -2.188  -6.683  -0.364  1.00 4.42  ? 14  DC  B C2    1 
ATOM   270 O  O2    . DC  B 1 4  ? -1.613  -7.740  -0.166  1.00 4.24  ? 14  DC  B O2    1 
ATOM   271 N  N3    . DC  B 1 4  ? -1.701  -5.709  -1.233  1.00 4.20  ? 14  DC  B N3    1 
ATOM   272 C  C4    . DC  B 1 4  ? -2.324  -4.521  -1.301  1.00 4.45  ? 14  DC  B C4    1 
ATOM   273 N  N4    . DC  B 1 4  ? -1.837  -3.611  -2.144  1.00 4.87  ? 14  DC  B N4    1 
ATOM   274 C  C5    . DC  B 1 4  ? -3.487  -4.220  -0.535  1.00 4.47  ? 14  DC  B C5    1 
ATOM   275 C  C6    . DC  B 1 4  ? -4.014  -5.223  0.259   1.00 4.94  ? 14  DC  B C6    1 
ATOM   276 P  P     . DC  B 1 5  ? -2.882  -6.830  5.736   1.00 7.35  ? 15  DC  B P     1 
ATOM   277 O  OP1   . DC  B 1 5  ? -3.128  -7.534  7.075   1.00 6.97  ? 15  DC  B OP1   1 
ATOM   278 O  OP2   . DC  B 1 5  ? -2.746  -5.362  5.718   1.00 7.26  ? 15  DC  B OP2   1 
ATOM   279 O  "O5'" . DC  B 1 5  ? -1.560  -7.423  5.112   1.00 6.36  ? 15  DC  B "O5'" 1 
ATOM   280 C  "C5'" . DC  B 1 5  ? -1.411  -8.821  4.962   1.00 5.32  ? 15  DC  B "C5'" 1 
ATOM   281 C  "C4'" . DC  B 1 5  ? -0.012  -9.202  4.504   1.00 5.09  ? 15  DC  B "C4'" 1 
ATOM   282 O  "O4'" . DC  B 1 5  ? 0.132   -8.927  3.069   1.00 4.20  ? 15  DC  B "O4'" 1 
ATOM   283 C  "C3'" . DC  B 1 5  ? 1.126   -8.446  5.124   1.00 5.30  ? 15  DC  B "C3'" 1 
ATOM   284 O  "O3'" . DC  B 1 5  ? 1.604   -9.050  6.301   1.00 6.71  ? 15  DC  B "O3'" 1 
ATOM   285 C  "C2'" . DC  B 1 5  ? 2.225   -8.474  4.059   1.00 4.37  ? 15  DC  B "C2'" 1 
ATOM   286 C  "C1'" . DC  B 1 5  ? 1.415   -8.421  2.769   1.00 3.11  ? 15  DC  B "C1'" 1 
ATOM   287 N  N1    . DC  B 1 5  ? 1.223   -7.030  2.253   1.00 2.04  ? 15  DC  B N1    1 
ATOM   288 C  C2    . DC  B 1 5  ? 2.213   -6.479  1.405   1.00 1.76  ? 15  DC  B C2    1 
ATOM   289 O  O2    . DC  B 1 5  ? 3.157   -7.065  1.265   1.00 2.29  ? 15  DC  B O2    1 
ATOM   290 N  N3    . DC  B 1 5  ? 2.022   -5.272  0.844   1.00 1.55  ? 15  DC  B N3    1 
ATOM   291 C  C4    . DC  B 1 5  ? 0.928   -4.588  1.051   1.00 2.12  ? 15  DC  B C4    1 
ATOM   292 N  N4    . DC  B 1 5  ? 0.741   -3.452  0.310   1.00 2.34  ? 15  DC  B N4    1 
ATOM   293 C  C5    . DC  B 1 5  ? -0.075  -5.044  1.987   1.00 2.02  ? 15  DC  B C5    1 
ATOM   294 C  C6    . DC  B 1 5  ? 0.110   -6.266  2.532   1.00 2.01  ? 15  DC  B C6    1 
ATOM   295 P  P     . DG  B 1 6  ? 2.126   -8.107  7.497   1.00 7.89  ? 16  DG  B P     1 
ATOM   296 O  OP1   . DG  B 1 6  ? 2.111   -9.015  8.618   1.00 8.33  ? 16  DG  B OP1   1 
ATOM   297 O  OP2   . DG  B 1 6  ? 1.209   -7.066  7.393   1.00 8.42  ? 16  DG  B OP2   1 
ATOM   298 O  "O5'" . DG  B 1 6  ? 3.575   -7.670  6.989   1.00 7.05  ? 16  DG  B "O5'" 1 
ATOM   299 C  "C5'" . DG  B 1 6  ? 4.531   -8.635  6.724   1.00 5.58  ? 16  DG  B "C5'" 1 
ATOM   300 C  "C4'" . DG  B 1 6  ? 5.779   -7.984  6.170   1.00 6.26  ? 16  DG  B "C4'" 1 
ATOM   301 O  "O4'" . DG  B 1 6  ? 5.462   -7.614  4.837   1.00 5.31  ? 16  DG  B "O4'" 1 
ATOM   302 C  "C3'" . DG  B 1 6  ? 6.239   -6.665  6.785   1.00 6.77  ? 16  DG  B "C3'" 1 
ATOM   303 O  "O3'" . DG  B 1 6  ? 7.085   -6.957  7.833   1.00 9.11  ? 16  DG  B "O3'" 1 
ATOM   304 C  "C2'" . DG  B 1 6  ? 7.017   -5.985  5.667   1.00 5.37  ? 16  DG  B "C2'" 1 
ATOM   305 C  "C1'" . DG  B 1 6  ? 6.295   -6.495  4.486   1.00 4.58  ? 16  DG  B "C1'" 1 
ATOM   306 N  N9    . DG  B 1 6  ? 5.412   -5.450  4.089   1.00 2.77  ? 16  DG  B N9    1 
ATOM   307 C  C8    . DG  B 1 6  ? 4.058   -5.314  4.319   1.00 2.78  ? 16  DG  B C8    1 
ATOM   308 N  N7    . DG  B 1 6  ? 3.529   -4.301  3.657   1.00 1.56  ? 16  DG  B N7    1 
ATOM   309 C  C5    . DG  B 1 6  ? 4.596   -3.715  2.969   1.00 1.96  ? 16  DG  B C5    1 
ATOM   310 C  C6    . DG  B 1 6  ? 4.632   -2.555  2.106   1.00 1.46  ? 16  DG  B C6    1 
ATOM   311 O  O6    . DG  B 1 6  ? 3.752   -1.860  1.736   1.00 1.13  ? 16  DG  B O6    1 
ATOM   312 N  N1    . DG  B 1 6  ? 5.907   -2.281  1.676   1.00 1.56  ? 16  DG  B N1    1 
ATOM   313 C  C2    . DG  B 1 6  ? 7.011   -3.024  2.018   1.00 1.00  ? 16  DG  B C2    1 
ATOM   314 N  N2    . DG  B 1 6  ? 8.160   -2.646  1.515   1.00 1.00  ? 16  DG  B N2    1 
ATOM   315 N  N3    . DG  B 1 6  ? 6.994   -4.063  2.829   1.00 1.61  ? 16  DG  B N3    1 
ATOM   316 C  C4    . DG  B 1 6  ? 5.783   -4.365  3.256   1.00 1.84  ? 16  DG  B C4    1 
ATOM   317 P  P     . DG  B 1 7  ? 7.034   -6.010  9.096   1.00 10.44 ? 17  DG  B P     1 
ATOM   318 O  OP1   . DG  B 1 7  ? 8.141   -6.537  9.924   1.00 10.58 ? 17  DG  B OP1   1 
ATOM   319 O  OP2   . DG  B 1 7  ? 5.726   -5.763  9.689   1.00 10.13 ? 17  DG  B OP2   1 
ATOM   320 O  "O5'" . DG  B 1 7  ? 7.305   -4.518  8.571   1.00 9.75  ? 17  DG  B "O5'" 1 
ATOM   321 C  "C5'" . DG  B 1 7  ? 8.604   -4.115  8.307   1.00 8.35  ? 17  DG  B "C5'" 1 
ATOM   322 C  "C4'" . DG  B 1 7  ? 8.669   -2.822  7.502   1.00 7.82  ? 17  DG  B "C4'" 1 
ATOM   323 O  "O4'" . DG  B 1 7  ? 8.004   -2.934  6.233   1.00 5.78  ? 17  DG  B "O4'" 1 
ATOM   324 C  "C3'" . DG  B 1 7  ? 8.218   -1.469  8.043   1.00 7.60  ? 17  DG  B "C3'" 1 
ATOM   325 O  "O3'" . DG  B 1 7  ? 9.185   -0.974  9.014   1.00 9.56  ? 17  DG  B "O3'" 1 
ATOM   326 C  "C2'" . DG  B 1 7  ? 8.250   -0.629  6.761   1.00 6.28  ? 17  DG  B "C2'" 1 
ATOM   327 C  "C1'" . DG  B 1 7  ? 7.882   -1.631  5.670   1.00 5.14  ? 17  DG  B "C1'" 1 
ATOM   328 N  N9    . DG  B 1 7  ? 6.486   -1.339  5.297   1.00 3.35  ? 17  DG  B N9    1 
ATOM   329 C  C8    . DG  B 1 7  ? 5.312   -1.879  5.763   1.00 3.14  ? 17  DG  B C8    1 
ATOM   330 N  N7    . DG  B 1 7  ? 4.241   -1.287  5.332   1.00 2.67  ? 17  DG  B N7    1 
ATOM   331 C  C5    . DG  B 1 7  ? 4.717   -0.282  4.494   1.00 2.28  ? 17  DG  B C5    1 
ATOM   332 C  C6    . DG  B 1 7  ? 4.041   0.716   3.790   1.00 2.04  ? 17  DG  B C6    1 
ATOM   333 O  O6    . DG  B 1 7  ? 2.851   0.924   3.677   1.00 1.80  ? 17  DG  B O6    1 
ATOM   334 N  N1    . DG  B 1 7  ? 4.952   1.582   3.114   1.00 1.41  ? 17  DG  B N1    1 
ATOM   335 C  C2    . DG  B 1 7  ? 6.321   1.502   3.116   1.00 1.56  ? 17  DG  B C2    1 
ATOM   336 N  N2    . DG  B 1 7  ? 7.036   2.431   2.458   1.00 1.00  ? 17  DG  B N2    1 
ATOM   337 N  N3    . DG  B 1 7  ? 6.973   0.537   3.761   1.00 1.76  ? 17  DG  B N3    1 
ATOM   338 C  C4    . DG  B 1 7  ? 6.104   -0.299  4.456   1.00 2.76  ? 17  DG  B C4    1 
ATOM   339 P  P     . DG  B 1 8  ? 8.774   0.229   10.037  1.00 10.55 ? 18  DG  B P     1 
ATOM   340 O  OP1   . DG  B 1 8  ? 9.662   0.231   11.241  1.00 11.11 ? 18  DG  B OP1   1 
ATOM   341 O  OP2   . DG  B 1 8  ? 7.383   0.408   10.157  1.00 9.39  ? 18  DG  B OP2   1 
ATOM   342 O  "O5'" . DG  B 1 8  ? 9.150   1.353   8.990   1.00 9.57  ? 18  DG  B "O5'" 1 
ATOM   343 C  "C5'" . DG  B 1 8  ? 8.386   2.469   8.922   1.00 7.38  ? 18  DG  B "C5'" 1 
ATOM   344 C  "C4'" . DG  B 1 8  ? 8.925   3.366   7.852   1.00 5.88  ? 18  DG  B "C4'" 1 
ATOM   345 O  "O4'" . DG  B 1 8  ? 8.352   2.727   6.686   1.00 4.92  ? 18  DG  B "O4'" 1 
ATOM   346 C  "C3'" . DG  B 1 8  ? 8.185   4.666   7.948   1.00 4.73  ? 18  DG  B "C3'" 1 
ATOM   347 O  "O3'" . DG  B 1 8  ? 9.006   5.562   8.573   1.00 4.70  ? 18  DG  B "O3'" 1 
ATOM   348 C  "C2'" . DG  B 1 8  ? 7.841   5.012   6.509   1.00 4.46  ? 18  DG  B "C2'" 1 
ATOM   349 C  "C1'" . DG  B 1 8  ? 7.668   3.638   5.859   1.00 3.29  ? 18  DG  B "C1'" 1 
ATOM   350 N  N9    . DG  B 1 8  ? 6.226   3.386   5.927   1.00 2.57  ? 18  DG  B N9    1 
ATOM   351 C  C8    . DG  B 1 8  ? 5.523   2.545   6.684   1.00 2.28  ? 18  DG  B C8    1 
ATOM   352 N  N7    . DG  B 1 8  ? 4.221   2.684   6.556   1.00 2.66  ? 18  DG  B N7    1 
ATOM   353 C  C5    . DG  B 1 8  ? 4.068   3.705   5.635   1.00 2.25  ? 18  DG  B C5    1 
ATOM   354 C  C6    . DG  B 1 8  ? 2.907   4.280   5.098   1.00 2.31  ? 18  DG  B C6    1 
ATOM   355 O  O6    . DG  B 1 8  ? 1.715   3.996   5.332   1.00 2.15  ? 18  DG  B O6    1 
ATOM   356 N  N1    . DG  B 1 8  ? 3.234   5.311   4.184   1.00 2.12  ? 18  DG  B N1    1 
ATOM   357 C  C2    . DG  B 1 8  ? 4.522   5.743   3.901   1.00 2.86  ? 18  DG  B C2    1 
ATOM   358 N  N2    . DG  B 1 8  ? 4.638   6.790   3.152   1.00 2.49  ? 18  DG  B N2    1 
ATOM   359 N  N3    . DG  B 1 8  ? 5.602   5.177   4.367   1.00 2.51  ? 18  DG  B N3    1 
ATOM   360 C  C4    . DG  B 1 8  ? 5.293   4.167   5.245   1.00 2.81  ? 18  DG  B C4    1 
ATOM   361 P  P     . DG  B 1 9  ? 8.317   6.603   9.531   1.00 5.83  ? 19  DG  B P     1 
ATOM   362 O  OP1   . DG  B 1 9  ? 9.453   7.109   10.207  1.00 5.53  ? 19  DG  B OP1   1 
ATOM   363 O  OP2   . DG  B 1 9  ? 7.138   6.043   10.305  1.00 6.85  ? 19  DG  B OP2   1 
ATOM   364 O  "O5'" . DG  B 1 9  ? 7.763   7.658   8.545   1.00 3.96  ? 19  DG  B "O5'" 1 
ATOM   365 C  "C5'" . DG  B 1 9  ? 8.589   8.335   7.604   1.00 3.38  ? 19  DG  B "C5'" 1 
ATOM   366 C  "C4'" . DG  B 1 9  ? 7.751   9.308   6.804   1.00 2.27  ? 19  DG  B "C4'" 1 
ATOM   367 O  "O4'" . DG  B 1 9  ? 6.837   8.500   6.068   1.00 2.55  ? 19  DG  B "O4'" 1 
ATOM   368 C  "C3'" . DG  B 1 9  ? 6.739   10.142  7.584   1.00 2.86  ? 19  DG  B "C3'" 1 
ATOM   369 O  "O3'" . DG  B 1 9  ? 7.331   11.235  8.258   1.00 3.48  ? 19  DG  B "O3'" 1 
ATOM   370 C  "C2'" . DG  B 1 9  ? 5.729   10.507  6.511   1.00 2.05  ? 19  DG  B "C2'" 1 
ATOM   371 C  "C1'" . DG  B 1 9  ? 5.694   9.214   5.674   1.00 1.45  ? 19  DG  B "C1'" 1 
ATOM   372 N  N9    . DG  B 1 9  ? 4.553   8.421   6.104   1.00 1.16  ? 19  DG  B N9    1 
ATOM   373 C  C8    . DG  B 1 9  ? 4.556   7.356   6.935   1.00 1.64  ? 19  DG  B C8    1 
ATOM   374 N  N7    . DG  B 1 9  ? 3.382   6.873   7.091   1.00 2.32  ? 19  DG  B N7    1 
ATOM   375 C  C5    . DG  B 1 9  ? 2.543   7.683   6.365   1.00 1.98  ? 19  DG  B C5    1 
ATOM   376 C  C6    . DG  B 1 9  ? 1.088   7.649   6.197   1.00 2.57  ? 19  DG  B C6    1 
ATOM   377 O  O6    . DG  B 1 9  ? 0.276   6.774   6.672   1.00 4.41  ? 19  DG  B O6    1 
ATOM   378 N  N1    . DG  B 1 9  ? 0.631   8.717   5.416   1.00 2.43  ? 19  DG  B N1    1 
ATOM   379 C  C2    . DG  B 1 9  ? 1.470   9.651   4.835   1.00 2.07  ? 19  DG  B C2    1 
ATOM   380 N  N2    . DG  B 1 9  ? 0.846   10.611  4.136   1.00 1.83  ? 19  DG  B N2    1 
ATOM   381 N  N3    . DG  B 1 9  ? 2.797   9.634   4.968   1.00 1.69  ? 19  DG  B N3    1 
ATOM   382 C  C4    . DG  B 1 9  ? 3.244   8.640   5.749   1.00 1.78  ? 19  DG  B C4    1 
ATOM   383 P  P     . DG  B 1 10 ? 6.647   11.815  9.660   1.00 3.92  ? 20  DG  B P     1 
ATOM   384 O  OP1   . DG  B 1 10 ? 7.696   12.680  10.222  1.00 4.84  ? 20  DG  B OP1   1 
ATOM   385 O  OP2   . DG  B 1 10 ? 6.132   10.767  10.497  1.00 4.32  ? 20  DG  B OP2   1 
ATOM   386 O  "O5'" . DG  B 1 10 ? 5.462   12.642  9.051   1.00 3.94  ? 20  DG  B "O5'" 1 
ATOM   387 C  "C5'" . DG  B 1 10 ? 5.728   13.717  8.199   1.00 3.90  ? 20  DG  B "C5'" 1 
ATOM   388 C  "C4'" . DG  B 1 10 ? 4.450   14.451  7.844   1.00 3.70  ? 20  DG  B "C4'" 1 
ATOM   389 O  "O4'" . DG  B 1 10 ? 3.508   13.577  7.175   1.00 2.57  ? 20  DG  B "O4'" 1 
ATOM   390 C  "C3'" . DG  B 1 10 ? 3.763   14.995  9.075   1.00 4.74  ? 20  DG  B "C3'" 1 
ATOM   391 O  "O3'" . DG  B 1 10 ? 3.685   16.438  8.964   1.00 6.32  ? 20  DG  B "O3'" 1 
ATOM   392 C  "C2'" . DG  B 1 10 ? 2.315   14.589  8.963   1.00 4.19  ? 20  DG  B "C2'" 1 
ATOM   393 C  "C1'" . DG  B 1 10 ? 2.178   13.850  7.640   1.00 2.98  ? 20  DG  B "C1'" 1 
ATOM   394 N  N9    . DG  B 1 10 ? 1.520   12.552  7.811   1.00 1.95  ? 20  DG  B N9    1 
ATOM   395 C  C8    . DG  B 1 10 ? 2.046   11.443  8.456   1.00 1.82  ? 20  DG  B C8    1 
ATOM   396 N  N7    . DG  B 1 10 ? 1.215   10.462  8.490   1.00 1.39  ? 20  DG  B N7    1 
ATOM   397 C  C5    . DG  B 1 10 ? 0.063   10.917  7.838   1.00 1.95  ? 20  DG  B C5    1 
ATOM   398 C  C6    . DG  B 1 10 ? -1.252  10.314  7.652   1.00 2.36  ? 20  DG  B C6    1 
ATOM   399 O  O6    . DG  B 1 10 ? -1.635  9.209   8.011   1.00 3.24  ? 20  DG  B O6    1 
ATOM   400 N  N1    . DG  B 1 10 ? -2.135  11.160  6.971   1.00 2.24  ? 20  DG  B N1    1 
ATOM   401 C  C2    . DG  B 1 10 ? -1.818  12.447  6.552   1.00 2.82  ? 20  DG  B C2    1 
ATOM   402 N  N2    . DG  B 1 10 ? -2.840  13.118  5.896   1.00 2.76  ? 20  DG  B N2    1 
ATOM   403 N  N3    . DG  B 1 10 ? -0.647  13.024  6.758   1.00 1.89  ? 20  DG  B N3    1 
ATOM   404 C  C4    . DG  B 1 10 ? 0.239   12.198  7.396   1.00 1.78  ? 20  DG  B C4    1 
HETATM 405 NA NA    . NA  C 2 .  ? -9.283  11.724  6.242   1.00 10.65 ? 64  NA  A NA    1 
HETATM 406 NA NA    . NA  D 2 .  ? 1.079   -0.549  4.652   1.00 9.54  ? 35  NA  B NA    1 
HETATM 407 O  O     . HOH E 3 .  ? 2.751   -0.419  -5.743  1.00 4.72  ? 21  HOH A O     1 
HETATM 408 O  O     . HOH E 3 .  ? 0.354   -3.559  -5.786  1.00 5.61  ? 22  HOH A O     1 
HETATM 409 O  O     . HOH E 3 .  ? -5.494  12.171  5.556   1.00 3.15  ? 23  HOH A O     1 
HETATM 410 O  O     . HOH E 3 .  ? 6.858   1.574   -4.990  1.00 5.55  ? 25  HOH A O     1 
HETATM 411 O  O     . HOH E 3 .  ? 3.595   0.300   -3.971  1.00 10.09 ? 26  HOH A O     1 
HETATM 412 O  O     . HOH E 3 .  ? 2.101   1.770   -1.740  1.00 7.82  ? 30  HOH A O     1 
HETATM 413 O  O     . HOH E 3 .  ? 1.586   -1.833  -3.687  1.00 2.99  ? 31  HOH A O     1 
HETATM 414 O  O     . HOH E 3 .  ? 3.250   -9.449  -9.650  1.00 17.99 ? 32  HOH A O     1 
HETATM 415 O  O     . HOH E 3 .  ? -12.018 8.081   3.769   1.00 14.79 ? 34  HOH A O     1 
HETATM 416 O  O     . HOH E 3 .  ? 2.348   4.942   -7.466  1.00 13.11 ? 36  HOH A O     1 
HETATM 417 O  O     . HOH E 3 .  ? -9.903  -11.999 -4.861  1.00 21.63 ? 39  HOH A O     1 
HETATM 418 O  O     . HOH E 3 .  ? -1.714  12.006  -4.552  1.00 20.62 ? 40  HOH A O     1 
HETATM 419 O  O     . HOH E 3 .  ? -3.095  -8.971  -10.254 1.00 16.79 ? 41  HOH A O     1 
HETATM 420 O  O     . HOH E 3 .  ? -1.056  5.270   -1.953  1.00 15.35 ? 42  HOH A O     1 
HETATM 421 O  O     . HOH E 3 .  ? -2.754  12.238  -0.879  1.00 25.33 ? 43  HOH A O     1 
HETATM 422 O  O     . HOH E 3 .  ? 9.049   -5.852  -0.864  1.00 4.59  ? 44  HOH A O     1 
HETATM 423 O  O     . HOH E 3 .  ? -0.967  12.961  1.776   1.00 11.40 ? 48  HOH A O     1 
HETATM 424 O  O     . HOH E 3 .  ? -7.692  7.325   3.774   1.00 15.00 ? 50  HOH A O     1 
HETATM 425 O  O     . HOH E 3 .  ? -6.085  -17.363 -10.855 1.00 11.72 ? 51  HOH A O     1 
HETATM 426 O  O     . HOH E 3 .  ? -4.123  -10.158 -10.632 1.00 10.16 ? 54  HOH A O     1 
HETATM 427 O  O     . HOH E 3 .  ? -9.425  6.414   8.448   1.00 12.75 ? 55  HOH A O     1 
HETATM 428 O  O     . HOH E 3 .  ? -5.238  -19.881 -8.113  1.00 16.16 ? 58  HOH A O     1 
HETATM 429 O  O     . HOH E 3 .  ? -12.331 7.470   0.871   1.00 17.19 ? 59  HOH A O     1 
HETATM 430 O  O     . HOH E 3 .  ? 13.303  -0.426  -7.602  1.00 16.46 ? 60  HOH A O     1 
HETATM 431 O  O     . HOH E 3 .  ? -7.545  -13.080 -4.821  1.00 20.53 ? 63  HOH A O     1 
HETATM 432 O  O     . HOH E 3 .  ? -1.110  -7.673  -9.783  1.00 18.24 ? 65  HOH A O     1 
HETATM 433 O  O     . HOH E 3 .  ? 7.274   -4.040  -10.644 1.00 14.80 ? 68  HOH A O     1 
HETATM 434 O  O     . HOH E 3 .  ? 2.844   -2.694  -5.971  1.00 14.41 ? 71  HOH A O     1 
HETATM 435 O  O     . HOH E 3 .  ? -5.675  -21.740 -8.853  1.00 7.84  ? 72  HOH A O     1 
HETATM 436 O  O     . HOH E 3 .  ? -11.070 9.501   6.342   1.00 12.15 ? 79  HOH A O     1 
HETATM 437 O  O     . HOH E 3 .  ? 0.085   -1.185  -1.796  1.00 14.15 ? 83  HOH A O     1 
HETATM 438 O  O     . HOH E 3 .  ? 0.178   -0.491  -8.542  1.00 14.86 ? 84  HOH A O     1 
HETATM 439 O  O     . HOH E 3 .  ? -2.922  -4.967  -10.395 1.00 18.52 ? 87  HOH A O     1 
HETATM 440 O  O     . HOH E 3 .  ? -8.129  11.967  3.904   1.00 12.10 ? 88  HOH A O     1 
HETATM 441 O  O     . HOH E 3 .  ? -8.370  4.179   0.260   1.00 14.03 ? 89  HOH A O     1 
HETATM 442 O  O     . HOH E 3 .  ? -6.558  7.094   5.486   1.00 14.52 ? 91  HOH A O     1 
HETATM 443 O  O     . HOH E 3 .  ? -9.246  7.089   0.443   1.00 17.34 ? 97  HOH A O     1 
HETATM 444 O  O     . HOH E 3 .  ? 1.333   3.922   -3.832  1.00 8.62  ? 100 HOH A O     1 
HETATM 445 O  O     . HOH E 3 .  ? -3.753  7.412   -6.438  1.00 16.13 ? 103 HOH A O     1 
HETATM 446 O  O     . HOH E 3 .  ? 3.839   -11.618 -8.257  1.00 19.56 ? 105 HOH A O     1 
HETATM 447 O  O     . HOH E 3 .  ? -3.101  4.361   2.938   1.00 14.54 ? 107 HOH A O     1 
HETATM 448 O  O     . HOH E 3 .  ? -8.155  9.585   -7.307  1.00 19.36 ? 108 HOH A O     1 
HETATM 449 O  O     . HOH E 3 .  ? 8.807   -7.596  -9.681  1.00 19.28 ? 109 HOH A O     1 
HETATM 450 O  O     . HOH E 3 .  ? -5.870  5.972   10.384  1.00 19.61 ? 110 HOH A O     1 
HETATM 451 O  O     . HOH E 3 .  ? -9.770  5.260   1.689   1.00 20.21 ? 111 HOH A O     1 
HETATM 452 O  O     . HOH E 3 .  ? -7.127  -19.230 -9.799  1.00 11.96 ? 112 HOH A O     1 
HETATM 453 O  O     . HOH E 3 .  ? -7.634  10.461  -1.823  1.00 23.65 ? 114 HOH A O     1 
HETATM 454 O  O     . HOH E 3 .  ? -4.532  11.244  -4.959  1.00 19.88 ? 115 HOH A O     1 
HETATM 455 O  O     . HOH E 3 .  ? 0.022   9.413   -6.757  1.00 13.75 ? 116 HOH A O     1 
HETATM 456 O  O     . HOH E 3 .  ? -1.277  3.779   1.723   1.00 13.56 ? 117 HOH A O     1 
HETATM 457 O  O     . HOH E 3 .  ? 7.954   -8.262  -7.808  1.00 14.85 ? 118 HOH A O     1 
HETATM 458 O  O     . HOH F 3 .  ? -3.657  -0.720  -5.417  1.00 12.61 ? 24  HOH B O     1 
HETATM 459 O  O     . HOH F 3 .  ? 7.695   9.123   11.835  1.00 18.62 ? 27  HOH B O     1 
HETATM 460 O  O     . HOH F 3 .  ? 11.993  7.348   9.519   1.00 21.28 ? 28  HOH B O     1 
HETATM 461 O  O     . HOH F 3 .  ? -4.212  -2.352  9.060   1.00 19.98 ? 29  HOH B O     1 
HETATM 462 O  O     . HOH F 3 .  ? 0.783   6.059   10.450  1.00 1.51  ? 33  HOH B O     1 
HETATM 463 O  O     . HOH F 3 .  ? 0.373   1.595   4.977   1.00 13.04 ? 37  HOH B O     1 
HETATM 464 O  O     . HOH F 3 .  ? -5.935  -0.863  6.477   1.00 17.87 ? 38  HOH B O     1 
HETATM 465 O  O     . HOH F 3 .  ? 9.526   13.190  8.191   1.00 7.47  ? 45  HOH B O     1 
HETATM 466 O  O     . HOH F 3 .  ? -4.397  -2.262  2.733   1.00 20.75 ? 46  HOH B O     1 
HETATM 467 O  O     . HOH F 3 .  ? 1.385   -1.135  2.208   1.00 14.46 ? 47  HOH B O     1 
HETATM 468 O  O     . HOH F 3 .  ? 5.628   1.068   9.944   1.00 18.13 ? 49  HOH B O     1 
HETATM 469 O  O     . HOH F 3 .  ? -3.676  -0.762  -9.168  1.00 11.95 ? 52  HOH B O     1 
HETATM 470 O  O     . HOH F 3 .  ? -9.700  7.065   -12.381 1.00 21.21 ? 53  HOH B O     1 
HETATM 471 O  O     . HOH F 3 .  ? -12.423 4.102   -5.914  1.00 10.52 ? 56  HOH B O     1 
HETATM 472 O  O     . HOH F 3 .  ? 9.267   11.241  12.016  1.00 8.38  ? 57  HOH B O     1 
HETATM 473 O  O     . HOH F 3 .  ? -5.462  1.068   2.027   1.00 17.75 ? 61  HOH B O     1 
HETATM 474 O  O     . HOH F 3 .  ? -12.338 5.180   -8.562  1.00 10.59 ? 62  HOH B O     1 
HETATM 475 O  O     . HOH F 3 .  ? 2.696   5.200   9.018   1.00 12.10 ? 66  HOH B O     1 
HETATM 476 O  O     . HOH F 3 .  ? 4.453   -3.403  11.481  1.00 14.78 ? 67  HOH B O     1 
HETATM 477 O  O     . HOH F 3 .  ? 8.976   5.288   13.686  1.00 22.67 ? 69  HOH B O     1 
HETATM 478 O  O     . HOH F 3 .  ? 0.235   13.868  4.199   1.00 7.56  ? 70  HOH B O     1 
HETATM 479 O  O     . HOH F 3 .  ? -0.893  -1.637  4.871   1.00 14.29 ? 73  HOH B O     1 
HETATM 480 O  O     . HOH F 3 .  ? -4.761  -9.498  6.496   1.00 16.57 ? 74  HOH B O     1 
HETATM 481 O  O     . HOH F 3 .  ? -10.274 3.616   0.559   1.00 15.97 ? 75  HOH B O     1 
HETATM 482 O  O     . HOH F 3 .  ? 12.877  9.655   9.293   1.00 8.60  ? 76  HOH B O     1 
HETATM 483 O  O     . HOH F 3 .  ? 12.433  -1.138  10.782  1.00 11.22 ? 77  HOH B O     1 
HETATM 484 O  O     . HOH F 3 .  ? 3.674   12.273  4.030   1.00 15.06 ? 78  HOH B O     1 
HETATM 485 O  O     . HOH F 3 .  ? 11.373  4.621   10.319  1.00 17.77 ? 80  HOH B O     1 
HETATM 486 O  O     . HOH F 3 .  ? 1.582   -2.885  3.940   1.00 21.53 ? 81  HOH B O     1 
HETATM 487 O  O     . HOH F 3 .  ? -5.788  3.668   -7.457  1.00 17.09 ? 82  HOH B O     1 
HETATM 488 O  O     . HOH F 3 .  ? -14.141 3.003   -4.931  1.00 8.41  ? 85  HOH B O     1 
HETATM 489 O  O     . HOH F 3 .  ? -7.239  0.499   -8.467  1.00 19.97 ? 86  HOH B O     1 
HETATM 490 O  O     . HOH F 3 .  ? 10.292  10.793  10.095  1.00 13.79 ? 90  HOH B O     1 
HETATM 491 O  O     . HOH F 3 .  ? -1.252  2.468   -7.742  1.00 14.94 ? 92  HOH B O     1 
HETATM 492 O  O     . HOH F 3 .  ? 14.822  8.347   8.211   1.00 12.39 ? 93  HOH B O     1 
HETATM 493 O  O     . HOH F 3 .  ? -4.746  0.109   10.953  1.00 9.62  ? 96  HOH B O     1 
HETATM 494 O  O     . HOH F 3 .  ? -1.069  7.942   10.074  1.00 14.78 ? 98  HOH B O     1 
HETATM 495 O  O     . HOH F 3 .  ? 6.851   12.539  6.640   1.00 17.75 ? 99  HOH B O     1 
HETATM 496 O  O     . HOH F 3 .  ? -5.342  -6.197  8.148   1.00 15.54 ? 104 HOH B O     1 
HETATM 497 O  O     . HOH F 3 .  ? 8.389   -6.396  1.782   1.00 7.96  ? 106 HOH B O     1 
HETATM 498 O  O     . HOH F 3 .  ? 10.118  7.195   12.962  1.00 15.73 ? 113 HOH B O     1 
HETATM 499 O  O     . HOH F 3 .  ? 9.720   0.175   13.509  1.00 14.90 ? 119 HOH B O     1 
HETATM 500 O  O     . HOH F 3 .  ? 2.958   14.209  4.942   1.00 14.96 ? 121 HOH B O     1 
# 
